data_6LKZ
#
_entry.id   6LKZ
#
_cell.length_a   71.973
_cell.length_b   128.548
_cell.length_c   124.295
_cell.angle_alpha   90.000
_cell.angle_beta   90.000
_cell.angle_gamma   90.000
#
_symmetry.space_group_name_H-M   'P 21 21 21'
#
loop_
_entity.id
_entity.type
_entity.pdbx_description
1 polymer 'isocitrate dehydrogenase'
2 water water
#
_entity_poly.entity_id   1
_entity_poly.type   'polypeptide(L)'
_entity_poly.pdbx_seq_one_letter_code
;MLSVENKVVAPPMVYIAGEEMTRYACDLVVKSWLEPYFDLSQWEYFDLSCVNRDNTNDQVLRDAVTAGQRIGAIFKEPTI
TPSAIQKKAFGLKNSLGSPNGAMRAGWNGITISRDTIHIDGIELGYKRPVFFERHAVGGEYGAGWSKVGRGTLLTTYLPS
DGRDPFVVDKRDLTDQHNVVVTYHNPYDNVEPLAHLFFQRCLDANITPYVVTKKTVFKWQEGFWAVMKDVFDEHYKSRFE
EKGLLQACGGDLQHLISDAATMQLIRWTDGGFGMAAHNYDGDMLTDQIAQVHRSPGFITSNLVGKAPDGSLIKEFEASHG
TVSDLWNDHLAGKETSLNPLGLVEAIVGALQHAAVLDAEKNPDDEHKVKARDQIFNFTTTLRTAMHNTFRYGQGTRDMSG
PSGYTTEDFVRKVAWRLQRYLDAQYDEAPPPQLGEPSRKLRRNYDIDEEAINGLFQKYDKNGDGFIDFEEFTRMLVKMNL
APLLTKKEKEKKPDV
;
_entity_poly.pdbx_strand_id   C,D
#
# COMPACT_ATOMS: atom_id res chain seq x y z
N GLU A 5 44.32 35.26 -11.80
CA GLU A 5 43.78 34.25 -10.92
C GLU A 5 42.90 34.89 -9.83
N ASN A 6 41.58 34.71 -9.91
CA ASN A 6 40.66 35.27 -8.90
C ASN A 6 39.33 34.52 -8.89
N LYS A 7 39.27 33.41 -8.15
CA LYS A 7 38.06 32.62 -8.04
C LYS A 7 37.34 32.91 -6.73
N VAL A 8 36.04 32.66 -6.72
CA VAL A 8 35.23 32.88 -5.51
C VAL A 8 35.48 31.74 -4.53
N VAL A 9 35.47 32.06 -3.24
CA VAL A 9 35.72 31.10 -2.18
C VAL A 9 34.40 30.46 -1.74
N ALA A 10 34.25 29.15 -1.96
CA ALA A 10 33.03 28.47 -1.54
C ALA A 10 32.90 28.52 -0.02
N PRO A 11 31.70 28.70 0.50
CA PRO A 11 31.48 28.63 1.96
C PRO A 11 31.77 27.23 2.49
N PRO A 12 32.03 27.08 3.78
CA PRO A 12 32.27 25.74 4.33
C PRO A 12 31.05 24.85 4.19
N MET A 13 31.30 23.58 3.83
CA MET A 13 30.29 22.59 3.51
C MET A 13 30.89 21.21 3.73
N VAL A 14 30.10 20.28 4.29
CA VAL A 14 30.54 18.89 4.41
C VAL A 14 30.24 18.15 3.11
N TYR A 15 31.20 17.34 2.69
CA TYR A 15 31.07 16.53 1.49
C TYR A 15 31.39 15.08 1.85
N ILE A 16 30.38 14.22 1.74
CA ILE A 16 30.52 12.79 2.05
C ILE A 16 30.66 12.06 0.72
N ALA A 17 31.76 11.34 0.52
CA ALA A 17 31.95 10.66 -0.76
C ALA A 17 31.61 9.18 -0.63
N GLY A 18 31.27 8.55 -1.76
CA GLY A 18 30.96 7.12 -1.75
C GLY A 18 31.92 6.24 -2.51
N GLU A 19 31.40 5.41 -3.41
CA GLU A 19 32.20 4.44 -4.13
C GLU A 19 31.70 4.39 -5.56
N GLU A 20 32.46 3.73 -6.41
CA GLU A 20 31.99 3.30 -7.71
C GLU A 20 31.61 4.53 -8.55
N MET A 21 30.64 4.33 -9.42
CA MET A 21 30.38 5.23 -10.54
C MET A 21 29.97 6.62 -10.08
N THR A 22 29.23 6.73 -8.97
CA THR A 22 28.79 8.05 -8.52
C THR A 22 29.94 8.82 -7.87
N ARG A 23 30.83 8.13 -7.16
CA ARG A 23 32.03 8.82 -6.67
C ARG A 23 32.84 9.38 -7.83
N TYR A 24 33.05 8.54 -8.85
CA TYR A 24 33.82 9.01 -10.00
C TYR A 24 33.11 10.16 -10.72
N ALA A 25 31.80 10.03 -10.92
CA ALA A 25 31.05 11.03 -11.66
C ALA A 25 30.85 12.33 -10.87
N CYS A 26 30.68 12.26 -9.55
CA CYS A 26 30.62 13.49 -8.78
C CYS A 26 31.98 14.20 -8.78
N ASP A 27 33.07 13.45 -8.58
CA ASP A 27 34.40 14.03 -8.67
C ASP A 27 34.56 14.77 -10.00
N LEU A 28 34.08 14.17 -11.09
CA LEU A 28 34.19 14.81 -12.40
C LEU A 28 33.33 16.07 -12.49
N VAL A 29 32.12 16.03 -11.95
CA VAL A 29 31.24 17.20 -12.05
C VAL A 29 31.82 18.38 -11.27
N VAL A 30 32.30 18.13 -10.04
CA VAL A 30 32.94 19.17 -9.24
C VAL A 30 34.16 19.74 -9.96
N LYS A 31 34.99 18.85 -10.54
CA LYS A 31 36.17 19.36 -11.23
C LYS A 31 35.81 20.22 -12.43
N SER A 32 34.75 19.86 -13.18
CA SER A 32 34.47 20.53 -14.46
C SER A 32 33.56 21.74 -14.33
N TRP A 33 32.61 21.70 -13.41
CA TRP A 33 31.62 22.77 -13.36
C TRP A 33 31.87 23.74 -12.23
N LEU A 34 32.61 23.34 -11.20
CA LEU A 34 32.76 24.16 -10.00
C LEU A 34 34.18 24.68 -9.82
N GLU A 35 35.20 23.80 -9.86
CA GLU A 35 36.59 24.21 -9.67
C GLU A 35 37.05 25.33 -10.60
N PRO A 36 36.61 25.40 -11.87
CA PRO A 36 36.91 26.59 -12.70
C PRO A 36 36.59 27.92 -12.04
N TYR A 37 35.56 27.98 -11.20
CA TYR A 37 35.03 29.25 -10.70
C TYR A 37 35.12 29.39 -9.21
N PHE A 38 35.46 28.33 -8.49
CA PHE A 38 35.36 28.33 -7.04
C PHE A 38 36.63 27.76 -6.43
N ASP A 39 37.10 28.42 -5.39
CA ASP A 39 38.06 27.82 -4.48
C ASP A 39 37.29 26.97 -3.47
N LEU A 40 37.54 25.66 -3.47
CA LEU A 40 36.78 24.83 -2.55
C LEU A 40 37.41 24.93 -1.18
N SER A 41 38.30 24.00 -0.85
CA SER A 41 39.21 24.13 0.29
C SER A 41 38.53 24.27 1.64
N GLN A 42 37.49 25.11 1.74
CA GLN A 42 36.63 25.08 2.90
C GLN A 42 35.64 23.93 2.89
N TRP A 43 35.60 23.13 1.83
CA TRP A 43 34.85 21.88 1.85
C TRP A 43 35.62 20.86 2.68
N GLU A 44 34.89 20.09 3.44
CA GLU A 44 35.50 19.15 4.36
C GLU A 44 35.04 17.75 3.95
N TYR A 45 35.90 17.01 3.26
CA TYR A 45 35.52 15.69 2.76
C TYR A 45 35.53 14.63 3.86
N PHE A 46 34.68 13.63 3.70
CA PHE A 46 34.69 12.40 4.50
C PHE A 46 34.49 11.21 3.58
N ASP A 47 35.33 10.20 3.70
CA ASP A 47 35.24 9.03 2.84
C ASP A 47 34.35 7.99 3.52
N LEU A 48 33.12 7.85 3.01
CA LEU A 48 32.22 6.81 3.50
C LEU A 48 32.10 5.63 2.53
N SER A 49 33.14 5.37 1.76
CA SER A 49 33.33 4.06 1.17
C SER A 49 33.14 2.98 2.24
N CYS A 50 32.69 1.79 1.81
CA CYS A 50 32.56 0.64 2.70
C CYS A 50 33.86 0.33 3.42
N VAL A 51 34.96 0.25 2.68
CA VAL A 51 36.25 -0.12 3.27
C VAL A 51 36.68 0.89 4.33
N ASN A 52 36.57 2.19 4.03
CA ASN A 52 36.97 3.17 5.03
C ASN A 52 36.01 3.21 6.22
N ARG A 53 34.73 2.92 6.01
CA ARG A 53 33.82 2.87 7.16
C ARG A 53 34.16 1.70 8.07
N ASP A 54 34.60 0.58 7.51
CA ASP A 54 34.85 -0.62 8.29
C ASP A 54 36.22 -0.56 8.97
N ASN A 55 37.21 0.05 8.29
CA ASN A 55 38.52 0.17 8.91
C ASN A 55 38.50 1.11 10.10
N THR A 56 37.78 2.22 9.98
CA THR A 56 37.68 3.16 11.07
C THR A 56 36.57 2.78 12.03
N ASN A 57 35.93 1.63 11.82
CA ASN A 57 34.72 1.24 12.53
C ASN A 57 33.82 2.46 12.72
N ASP A 58 33.46 3.05 11.59
CA ASP A 58 32.51 4.16 11.46
C ASP A 58 32.87 5.39 12.27
N GLN A 59 34.13 5.59 12.63
CA GLN A 59 34.48 6.89 13.20
C GLN A 59 34.46 7.95 12.12
N VAL A 60 34.67 7.57 10.85
CA VAL A 60 34.53 8.53 9.76
C VAL A 60 33.08 9.00 9.65
N LEU A 61 32.12 8.10 9.85
CA LEU A 61 30.74 8.55 9.83
C LEU A 61 30.42 9.43 11.04
N ARG A 62 31.00 9.10 12.19
CA ARG A 62 30.74 9.90 13.39
C ARG A 62 31.40 11.28 13.30
N ASP A 63 32.56 11.38 12.64
CA ASP A 63 33.19 12.68 12.44
C ASP A 63 32.42 13.50 11.42
N ALA A 64 31.91 12.84 10.37
CA ALA A 64 31.05 13.51 9.41
C ALA A 64 29.83 14.09 10.09
N VAL A 65 29.20 13.33 10.99
CA VAL A 65 28.06 13.85 11.72
C VAL A 65 28.45 15.07 12.55
N THR A 66 29.58 15.00 13.27
CA THR A 66 30.03 16.15 14.06
C THR A 66 30.27 17.38 13.18
N ALA A 67 31.02 17.20 12.08
CA ALA A 67 31.28 18.30 11.17
C ALA A 67 29.98 18.89 10.62
N GLY A 68 28.99 18.03 10.32
CA GLY A 68 27.71 18.50 9.83
C GLY A 68 26.96 19.30 10.86
N GLN A 69 27.11 18.95 12.14
CA GLN A 69 26.47 19.78 13.16
C GLN A 69 27.12 21.15 13.21
N ARG A 70 28.44 21.18 13.03
CA ARG A 70 29.17 22.45 13.12
C ARG A 70 28.92 23.33 11.90
N ILE A 71 28.91 22.75 10.70
CA ILE A 71 28.75 23.49 9.45
C ILE A 71 27.30 23.58 9.00
N GLY A 72 26.54 22.49 9.09
CA GLY A 72 25.11 22.52 8.83
C GLY A 72 24.68 22.43 7.38
N ALA A 73 25.60 22.18 6.45
CA ALA A 73 25.26 22.11 5.03
C ALA A 73 26.09 21.01 4.43
N ILE A 74 25.42 19.98 3.91
CA ILE A 74 26.03 18.69 3.62
C ILE A 74 25.55 18.14 2.28
N PHE A 75 26.48 17.88 1.39
CA PHE A 75 26.22 16.99 0.27
C PHE A 75 26.76 15.61 0.57
N LYS A 76 25.93 14.59 0.37
CA LYS A 76 26.35 13.21 0.51
C LYS A 76 26.05 12.50 -0.79
N GLU A 77 27.02 11.73 -1.27
CA GLU A 77 26.86 10.86 -2.42
C GLU A 77 26.17 9.58 -2.00
N PRO A 78 25.64 8.80 -2.94
CA PRO A 78 25.18 7.45 -2.59
C PRO A 78 26.31 6.65 -1.94
N THR A 79 25.93 5.77 -1.03
CA THR A 79 26.86 4.88 -0.35
C THR A 79 26.28 3.48 -0.40
N ILE A 80 27.16 2.49 -0.28
CA ILE A 80 26.74 1.10 -0.33
C ILE A 80 26.40 0.61 1.07
N THR A 81 25.16 0.16 1.25
CA THR A 81 24.79 -0.63 2.43
C THR A 81 25.00 -2.09 2.05
N PRO A 82 26.21 -2.62 2.26
CA PRO A 82 26.63 -3.83 1.53
C PRO A 82 25.79 -5.07 1.83
N SER A 83 25.34 -5.72 0.77
CA SER A 83 24.74 -7.04 0.82
C SER A 83 25.80 -8.07 1.18
N ALA A 84 25.35 -9.17 1.79
CA ALA A 84 26.19 -10.32 2.16
C ALA A 84 27.23 -10.69 1.09
N ILE A 85 26.81 -10.75 -0.18
CA ILE A 85 27.74 -11.09 -1.27
C ILE A 85 28.80 -10.01 -1.40
N GLN A 86 28.37 -8.75 -1.30
CA GLN A 86 29.19 -7.58 -1.48
C GLN A 86 30.14 -7.40 -0.30
N LYS A 87 29.63 -7.74 0.89
CA LYS A 87 30.42 -7.79 2.10
C LYS A 87 31.49 -8.88 2.03
N LYS A 88 31.17 -10.01 1.37
CA LYS A 88 32.17 -11.05 1.14
C LYS A 88 33.28 -10.52 0.25
N ALA A 89 32.93 -10.08 -0.95
CA ALA A 89 33.92 -9.58 -1.89
C ALA A 89 34.80 -8.49 -1.28
N PHE A 90 34.17 -7.50 -0.62
CA PHE A 90 34.92 -6.40 -0.06
C PHE A 90 35.74 -6.81 1.17
N GLY A 91 35.38 -7.91 1.83
CA GLY A 91 36.12 -8.36 2.99
C GLY A 91 36.05 -7.44 4.19
N LEU A 92 34.83 -7.11 4.60
CA LEU A 92 34.58 -6.23 5.72
C LEU A 92 34.38 -7.10 6.93
N LYS A 93 35.12 -6.86 7.97
CA LYS A 93 35.09 -7.88 9.00
C LYS A 93 34.08 -7.57 10.13
N ASN A 94 33.71 -6.29 10.34
CA ASN A 94 32.51 -6.08 11.17
C ASN A 94 31.46 -5.23 10.46
N SER A 95 30.48 -5.92 9.84
CA SER A 95 29.33 -5.31 9.16
C SER A 95 28.82 -4.07 9.86
N LEU A 96 28.71 -2.99 9.10
CA LEU A 96 28.10 -1.76 9.59
C LEU A 96 27.01 -1.41 8.60
N GLY A 97 25.89 -0.91 9.11
CA GLY A 97 24.69 -0.73 8.33
C GLY A 97 24.62 0.60 7.63
N SER A 98 23.39 1.12 7.50
CA SER A 98 23.19 2.37 6.78
C SER A 98 23.65 3.54 7.63
N PRO A 99 24.29 4.55 7.03
CA PRO A 99 24.60 5.76 7.81
C PRO A 99 23.39 6.59 8.20
N ASN A 100 22.18 6.19 7.79
CA ASN A 100 21.01 7.05 7.94
C ASN A 100 20.69 7.34 9.40
N GLY A 101 20.71 6.30 10.24
CA GLY A 101 20.36 6.50 11.64
C GLY A 101 21.24 7.52 12.33
N ALA A 102 22.55 7.43 12.08
CA ALA A 102 23.48 8.35 12.71
C ALA A 102 23.21 9.78 12.28
N MET A 103 23.06 10.00 10.97
CA MET A 103 22.89 11.35 10.48
C MET A 103 21.57 11.94 10.95
N ARG A 104 20.49 11.17 10.91
CA ARG A 104 19.20 11.72 11.33
C ARG A 104 19.15 11.94 12.84
N ALA A 105 19.90 11.17 13.62
CA ALA A 105 19.99 11.43 15.05
C ALA A 105 20.81 12.69 15.31
N GLY A 106 22.05 12.72 14.80
CA GLY A 106 22.94 13.83 15.00
C GLY A 106 22.43 15.16 14.49
N TRP A 107 21.47 15.16 13.55
CA TRP A 107 21.02 16.41 12.95
C TRP A 107 19.52 16.71 13.12
N ASN A 108 18.75 15.84 13.81
CA ASN A 108 17.28 15.93 13.95
C ASN A 108 16.50 15.59 12.67
N GLY A 109 15.28 16.09 12.43
CA GLY A 109 14.67 15.55 11.23
C GLY A 109 13.59 16.25 10.45
N ILE A 110 13.62 15.96 9.12
CA ILE A 110 12.56 15.44 8.22
C ILE A 110 13.04 15.33 6.77
N THR A 111 12.56 14.32 6.01
CA THR A 111 13.16 13.89 4.73
C THR A 111 12.34 14.40 3.54
N ILE A 112 12.89 15.34 2.78
CA ILE A 112 12.15 16.01 1.72
C ILE A 112 12.39 15.33 0.38
N SER A 113 11.32 14.88 -0.24
CA SER A 113 11.34 14.17 -1.51
C SER A 113 10.47 14.97 -2.48
N ARG A 114 11.08 15.89 -3.22
CA ARG A 114 10.39 16.79 -4.16
C ARG A 114 10.88 16.48 -5.57
N ASP A 115 9.96 16.59 -6.55
CA ASP A 115 10.26 16.20 -7.91
C ASP A 115 11.21 17.16 -8.61
N THR A 116 12.11 16.62 -9.44
CA THR A 116 13.07 17.43 -10.19
C THR A 116 12.51 17.69 -11.59
N ILE A 117 12.75 18.89 -12.11
CA ILE A 117 12.11 19.37 -13.32
C ILE A 117 13.14 20.05 -14.24
N HIS A 118 12.95 19.98 -15.56
CA HIS A 118 13.78 20.74 -16.50
C HIS A 118 12.97 21.93 -16.99
N ILE A 119 13.00 22.98 -16.15
CA ILE A 119 12.22 24.22 -16.27
C ILE A 119 12.39 24.85 -17.65
N ASP A 120 13.47 24.49 -18.32
CA ASP A 120 13.49 24.80 -19.73
C ASP A 120 13.02 23.57 -20.49
N GLY A 121 11.70 23.45 -20.52
CA GLY A 121 10.95 22.77 -21.55
C GLY A 121 11.34 21.35 -21.92
N ILE A 122 11.40 20.44 -20.95
CA ILE A 122 11.19 19.03 -21.23
C ILE A 122 10.13 18.58 -20.25
N GLU A 123 8.98 18.16 -20.75
CA GLU A 123 7.93 17.68 -19.87
C GLU A 123 8.34 16.34 -19.26
N LEU A 124 7.92 16.13 -18.03
CA LEU A 124 8.05 14.82 -17.39
C LEU A 124 6.68 14.45 -16.84
N GLY A 125 6.67 13.48 -15.94
CA GLY A 125 5.42 12.96 -15.42
C GLY A 125 4.46 13.99 -14.83
N TYR A 126 4.98 14.91 -14.00
CA TYR A 126 4.08 15.72 -13.18
C TYR A 126 3.84 17.14 -13.67
N LYS A 127 4.65 17.69 -14.57
CA LYS A 127 4.26 18.99 -15.12
C LYS A 127 4.35 20.16 -14.15
N ARG A 128 3.79 20.08 -12.94
CA ARG A 128 4.05 21.14 -11.96
C ARG A 128 4.64 20.48 -10.71
N PRO A 129 5.58 21.16 -10.05
CA PRO A 129 6.32 20.53 -8.93
C PRO A 129 5.42 19.90 -7.89
N VAL A 130 5.87 18.76 -7.35
CA VAL A 130 5.20 18.08 -6.25
C VAL A 130 6.14 18.09 -5.06
N PHE A 131 5.65 18.41 -3.88
CA PHE A 131 6.49 18.36 -2.69
C PHE A 131 6.05 17.23 -1.78
N PHE A 132 7.01 16.66 -1.08
CA PHE A 132 6.69 15.66 -0.08
C PHE A 132 7.57 15.80 1.15
N GLU A 133 6.95 15.80 2.32
CA GLU A 133 7.65 15.78 3.60
C GLU A 133 7.45 14.42 4.22
N ARG A 134 8.50 13.63 4.28
CA ARG A 134 8.46 12.36 4.97
C ARG A 134 9.09 12.61 6.34
N HIS A 135 8.28 12.47 7.37
CA HIS A 135 8.76 12.57 8.73
C HIS A 135 10.01 11.71 8.93
N ALA A 136 11.10 12.33 9.41
CA ALA A 136 12.41 11.67 9.39
C ALA A 136 12.58 10.61 10.46
N VAL A 137 11.75 10.62 11.49
CA VAL A 137 12.01 9.77 12.65
C VAL A 137 10.76 8.95 12.99
N GLY A 138 10.97 7.95 13.82
CA GLY A 138 9.85 7.19 14.32
C GLY A 138 9.42 6.08 13.40
N GLY A 139 8.43 5.36 13.90
CA GLY A 139 7.71 4.38 13.12
C GLY A 139 8.35 3.02 13.04
N GLU A 140 7.71 2.21 12.18
CA GLU A 140 8.00 0.79 12.09
C GLU A 140 9.47 0.52 11.77
N TYR A 141 10.11 1.38 10.96
CA TYR A 141 11.51 1.18 10.56
C TYR A 141 12.50 1.22 11.74
N GLY A 142 12.10 1.74 12.90
CA GLY A 142 12.99 1.80 14.03
C GLY A 142 12.53 0.94 15.17
N ALA A 143 11.94 -0.20 14.85
CA ALA A 143 11.26 -1.04 15.81
C ALA A 143 12.21 -2.01 16.49
N GLY A 144 11.87 -2.33 17.74
CA GLY A 144 12.47 -3.45 18.42
C GLY A 144 11.54 -4.64 18.32
N TRP A 145 12.13 -5.83 18.20
CA TRP A 145 11.33 -7.03 18.07
C TRP A 145 12.11 -8.21 18.62
N SER A 146 11.40 -9.29 18.84
CA SER A 146 12.07 -10.49 19.28
C SER A 146 11.18 -11.70 18.98
N LYS A 147 11.82 -12.84 18.75
CA LYS A 147 11.08 -14.10 18.75
C LYS A 147 10.94 -14.55 20.19
N VAL A 148 9.71 -14.81 20.63
CA VAL A 148 9.47 -15.23 22.00
C VAL A 148 8.59 -16.47 22.00
N GLY A 149 8.58 -17.17 23.12
CA GLY A 149 7.78 -18.36 23.24
C GLY A 149 6.57 -18.13 24.13
N ARG A 150 6.17 -19.17 24.84
CA ARG A 150 5.03 -19.06 25.75
C ARG A 150 5.33 -18.08 26.87
N GLY A 151 4.31 -17.32 27.27
CA GLY A 151 4.49 -16.43 28.39
C GLY A 151 3.55 -15.25 28.39
N THR A 152 4.08 -14.12 28.84
CA THR A 152 3.38 -12.85 28.90
C THR A 152 4.35 -11.72 28.54
N LEU A 153 3.92 -10.85 27.65
CA LEU A 153 4.72 -9.72 27.25
C LEU A 153 4.19 -8.50 27.98
N LEU A 154 5.11 -7.61 28.35
CA LEU A 154 4.83 -6.53 29.27
C LEU A 154 5.52 -5.26 28.76
N THR A 155 4.74 -4.21 28.45
CA THR A 155 5.29 -2.96 27.92
C THR A 155 5.16 -1.90 29.01
N THR A 156 6.30 -1.53 29.57
CA THR A 156 6.35 -0.52 30.62
C THR A 156 6.81 0.79 30.03
N TYR A 157 6.30 1.87 30.61
CA TYR A 157 6.78 3.21 30.32
C TYR A 157 7.17 3.85 31.65
N LEU A 158 8.40 4.37 31.71
CA LEU A 158 9.02 4.91 32.93
C LEU A 158 9.22 6.42 32.78
N PRO A 159 8.24 7.25 33.15
CA PRO A 159 8.38 8.69 32.93
C PRO A 159 9.42 9.36 33.83
N SER A 160 10.13 10.34 33.26
CA SER A 160 10.90 11.32 33.99
C SER A 160 10.04 12.44 34.58
N ASP A 161 8.74 12.47 34.23
CA ASP A 161 7.76 13.37 34.85
C ASP A 161 7.60 13.01 36.33
N GLY A 162 8.32 11.96 36.75
CA GLY A 162 8.39 11.49 38.14
C GLY A 162 7.27 10.60 38.60
N ARG A 163 6.23 10.38 37.80
CA ARG A 163 5.04 9.67 38.26
C ARG A 163 5.25 8.16 38.17
N ASP A 164 4.11 7.37 38.28
CA ASP A 164 4.44 5.96 38.40
C ASP A 164 4.52 5.29 37.04
N PRO A 165 5.41 4.30 36.93
CA PRO A 165 5.59 3.57 35.68
C PRO A 165 4.26 3.14 35.08
N PHE A 166 4.17 3.23 33.76
CA PHE A 166 2.90 3.14 33.06
C PHE A 166 2.81 1.83 32.29
N VAL A 167 1.68 1.14 32.43
CA VAL A 167 1.42 -0.11 31.74
C VAL A 167 0.82 0.24 30.38
N VAL A 168 1.66 0.25 29.34
CA VAL A 168 1.16 0.56 28.00
C VAL A 168 0.28 -0.57 27.50
N ASP A 169 0.82 -1.78 27.51
CA ASP A 169 0.14 -2.98 27.04
C ASP A 169 0.70 -4.18 27.80
N LYS A 170 -0.18 -5.10 28.14
CA LYS A 170 0.23 -6.38 28.67
C LYS A 170 -0.58 -7.42 27.92
N ARG A 171 0.09 -8.48 27.48
CA ARG A 171 -0.69 -9.50 26.80
C ARG A 171 -0.09 -10.87 27.08
N ASP A 172 -0.94 -11.86 26.87
CA ASP A 172 -0.80 -13.23 27.34
C ASP A 172 -0.53 -14.10 26.12
N LEU A 173 0.75 -14.33 25.86
CA LEU A 173 1.15 -15.05 24.66
C LEU A 173 1.08 -16.55 24.92
N THR A 174 0.11 -17.18 24.27
CA THR A 174 -0.16 -18.61 24.43
C THR A 174 0.68 -19.47 23.49
N ASP A 175 1.01 -18.95 22.31
CA ASP A 175 1.71 -19.72 21.29
C ASP A 175 3.15 -19.95 21.69
N GLN A 176 3.75 -20.94 21.04
CA GLN A 176 5.15 -21.23 21.26
C GLN A 176 6.09 -20.54 20.27
N HIS A 177 5.56 -20.08 19.13
CA HIS A 177 6.30 -19.25 18.19
C HIS A 177 5.57 -17.92 18.08
N ASN A 178 6.10 -16.87 18.70
CA ASN A 178 5.56 -15.52 18.58
C ASN A 178 6.67 -14.58 18.15
N VAL A 179 6.31 -13.49 17.49
CA VAL A 179 7.18 -12.33 17.35
C VAL A 179 6.52 -11.17 18.06
N VAL A 180 7.31 -10.38 18.76
CA VAL A 180 6.80 -9.18 19.40
C VAL A 180 7.52 -7.98 18.82
N VAL A 181 6.77 -6.90 18.61
CA VAL A 181 7.20 -5.70 17.91
C VAL A 181 6.76 -4.50 18.74
N THR A 182 7.69 -3.59 19.02
CA THR A 182 7.39 -2.34 19.71
C THR A 182 8.13 -1.20 19.04
N TYR A 183 7.49 -0.02 19.00
CA TYR A 183 8.12 1.12 18.36
C TYR A 183 7.43 2.39 18.83
N HIS A 184 8.03 3.53 18.49
CA HIS A 184 7.47 4.80 18.92
C HIS A 184 7.53 5.81 17.79
N ASN A 185 6.75 6.87 17.95
CA ASN A 185 6.86 8.07 17.14
C ASN A 185 7.13 9.25 18.06
N PRO A 186 8.24 9.96 17.91
CA PRO A 186 8.41 11.25 18.55
C PRO A 186 7.70 12.30 17.71
N TYR A 187 6.87 13.12 18.37
CA TYR A 187 5.99 14.04 17.66
C TYR A 187 6.27 15.52 17.94
N ASP A 188 7.30 15.87 18.72
CA ASP A 188 7.62 17.30 18.92
C ASP A 188 7.87 17.99 17.60
N ASN A 189 8.89 17.49 16.84
CA ASN A 189 9.25 18.23 15.63
C ASN A 189 8.21 18.18 14.54
N VAL A 190 7.01 17.64 14.78
CA VAL A 190 5.92 17.82 13.81
C VAL A 190 5.61 19.29 13.65
N GLU A 191 5.72 20.09 14.72
CA GLU A 191 5.34 21.46 14.45
C GLU A 191 6.45 22.23 13.71
N PRO A 192 7.74 22.02 13.99
CA PRO A 192 8.75 22.46 13.02
C PRO A 192 8.40 22.02 11.60
N LEU A 193 8.11 20.73 11.43
CA LEU A 193 7.78 20.17 10.11
C LEU A 193 6.67 20.95 9.47
N ALA A 194 5.56 21.14 10.20
CA ALA A 194 4.46 21.92 9.67
C ALA A 194 4.96 23.25 9.11
N HIS A 195 5.74 23.99 9.91
CA HIS A 195 6.21 25.29 9.46
C HIS A 195 7.06 25.17 8.22
N LEU A 196 7.97 24.19 8.21
CA LEU A 196 8.76 23.97 7.01
C LEU A 196 7.87 23.70 5.81
N PHE A 197 6.89 22.82 5.96
CA PHE A 197 6.12 22.31 4.83
C PHE A 197 5.15 23.36 4.31
N PHE A 198 4.30 23.85 5.19
CA PHE A 198 3.26 24.77 4.76
C PHE A 198 3.88 26.02 4.15
N GLN A 199 4.90 26.59 4.79
CA GLN A 199 5.53 27.78 4.23
C GLN A 199 6.10 27.51 2.84
N ARG A 200 6.83 26.38 2.62
CA ARG A 200 7.33 26.20 1.25
C ARG A 200 6.20 25.95 0.27
N CYS A 201 5.11 25.30 0.70
CA CYS A 201 4.03 25.15 -0.27
C CYS A 201 3.50 26.53 -0.64
N LEU A 202 3.39 27.42 0.36
CA LEU A 202 3.03 28.81 0.09
C LEU A 202 3.92 29.42 -0.97
N ASP A 203 5.23 29.35 -0.74
CA ASP A 203 6.14 30.03 -1.66
C ASP A 203 5.99 29.50 -3.07
N ALA A 204 5.59 28.23 -3.20
CA ALA A 204 5.60 27.56 -4.49
C ALA A 204 4.21 27.48 -5.13
N ASN A 205 3.17 27.98 -4.46
CA ASN A 205 1.77 27.90 -4.93
C ASN A 205 1.38 26.45 -5.10
N ILE A 206 1.60 25.68 -4.04
CA ILE A 206 1.29 24.26 -3.96
C ILE A 206 0.17 24.09 -2.93
N THR A 207 -0.83 23.27 -3.27
CA THR A 207 -1.86 22.95 -2.29
C THR A 207 -1.37 21.86 -1.35
N PRO A 208 -1.32 22.11 -0.04
CA PRO A 208 -0.79 21.08 0.86
C PRO A 208 -1.86 20.11 1.29
N TYR A 209 -1.40 18.89 1.63
CA TYR A 209 -2.23 17.84 2.17
C TYR A 209 -1.46 17.09 3.24
N VAL A 210 -2.20 16.45 4.13
CA VAL A 210 -1.63 15.57 5.13
C VAL A 210 -2.20 14.17 4.93
N VAL A 211 -1.35 13.16 5.05
CA VAL A 211 -1.70 11.78 4.75
C VAL A 211 -1.43 10.92 5.97
N THR A 212 -2.44 10.22 6.44
CA THR A 212 -2.24 9.26 7.51
C THR A 212 -3.19 8.09 7.32
N LYS A 213 -3.00 7.07 8.13
CA LYS A 213 -4.02 6.07 8.39
C LYS A 213 -4.58 6.26 9.80
N LYS A 214 -4.79 7.53 10.18
CA LYS A 214 -5.16 7.84 11.56
C LYS A 214 -6.50 7.22 11.93
N THR A 215 -7.38 7.06 10.95
CA THR A 215 -8.69 6.47 11.21
C THR A 215 -8.57 5.01 11.67
N VAL A 216 -7.62 4.26 11.13
CA VAL A 216 -7.50 2.85 11.44
C VAL A 216 -6.43 2.70 12.50
N PHE A 217 -5.45 3.59 12.49
CA PHE A 217 -4.38 3.61 13.48
C PHE A 217 -4.57 4.88 14.31
N LYS A 218 -5.23 4.75 15.46
CA LYS A 218 -5.64 5.92 16.22
C LYS A 218 -4.44 6.65 16.80
N TRP A 219 -3.34 5.95 17.03
CA TRP A 219 -2.14 6.60 17.56
C TRP A 219 -1.52 7.62 16.60
N GLN A 220 -1.88 7.59 15.32
CA GLN A 220 -1.39 8.53 14.33
C GLN A 220 -2.17 9.84 14.33
N GLU A 221 -3.26 9.92 15.10
CA GLU A 221 -4.14 11.07 15.01
C GLU A 221 -3.43 12.33 15.52
N GLY A 222 -2.44 12.17 16.40
CA GLY A 222 -1.59 13.28 16.77
C GLY A 222 -0.99 14.01 15.59
N PHE A 223 -0.43 13.27 14.63
CA PHE A 223 0.16 13.88 13.44
C PHE A 223 -0.83 14.84 12.80
N TRP A 224 -2.05 14.36 12.50
CA TRP A 224 -3.01 15.24 11.84
C TRP A 224 -3.38 16.43 12.70
N ALA A 225 -3.38 16.27 14.03
CA ALA A 225 -3.77 17.35 14.93
C ALA A 225 -2.77 18.50 14.89
N VAL A 226 -1.48 18.21 15.16
CA VAL A 226 -0.45 19.24 15.18
C VAL A 226 -0.41 19.97 13.84
N MET A 227 -0.23 19.21 12.75
CA MET A 227 -0.25 19.77 11.40
C MET A 227 -1.48 20.65 11.18
N LYS A 228 -2.64 20.25 11.68
CA LYS A 228 -3.84 21.05 11.45
C LYS A 228 -3.78 22.32 12.31
N ASP A 229 -3.42 22.17 13.58
CA ASP A 229 -3.40 23.31 14.50
C ASP A 229 -2.50 24.41 13.96
N VAL A 230 -1.27 24.07 13.61
CA VAL A 230 -0.37 25.03 12.99
C VAL A 230 -1.03 25.64 11.77
N PHE A 231 -1.55 24.78 10.90
CA PHE A 231 -2.10 25.30 9.65
C PHE A 231 -3.15 26.38 9.93
N ASP A 232 -4.24 25.98 10.60
CA ASP A 232 -5.34 26.90 10.89
C ASP A 232 -4.85 28.16 11.59
N GLU A 233 -3.85 28.03 12.47
CA GLU A 233 -3.36 29.18 13.22
C GLU A 233 -2.46 30.06 12.37
N HIS A 234 -1.57 29.49 11.58
CA HIS A 234 -0.45 30.27 11.06
C HIS A 234 -0.39 30.41 9.55
N TYR A 235 -1.15 29.62 8.79
CA TYR A 235 -1.04 29.64 7.32
C TYR A 235 -2.37 29.66 6.57
N LYS A 236 -3.49 29.21 7.18
CA LYS A 236 -4.75 29.11 6.44
C LYS A 236 -5.16 30.42 5.77
N SER A 237 -5.13 31.52 6.52
CA SER A 237 -5.36 32.86 5.99
C SER A 237 -4.58 33.13 4.71
N ARG A 238 -3.26 32.87 4.72
CA ARG A 238 -2.41 33.14 3.56
C ARG A 238 -2.71 32.21 2.40
N PHE A 239 -3.10 30.97 2.68
CA PHE A 239 -3.44 30.07 1.58
C PHE A 239 -4.74 30.50 0.91
N GLU A 240 -5.73 30.96 1.69
CA GLU A 240 -6.92 31.43 1.01
C GLU A 240 -6.68 32.77 0.31
N GLU A 241 -5.81 33.64 0.85
CA GLU A 241 -5.48 34.86 0.10
C GLU A 241 -4.97 34.55 -1.29
N LYS A 242 -4.29 33.43 -1.47
CA LYS A 242 -3.78 33.01 -2.77
C LYS A 242 -4.75 32.11 -3.52
N GLY A 243 -5.89 31.79 -2.92
CA GLY A 243 -6.84 30.90 -3.53
C GLY A 243 -6.20 29.57 -3.88
N LEU A 244 -5.60 28.93 -2.88
CA LEU A 244 -5.04 27.60 -3.02
C LEU A 244 -5.88 26.50 -2.38
N LEU A 245 -6.80 26.86 -1.48
CA LEU A 245 -7.71 25.88 -0.88
C LEU A 245 -8.96 25.67 -1.73
N GLN A 246 -8.83 25.65 -3.05
CA GLN A 246 -10.00 25.66 -3.91
C GLN A 246 -10.44 24.25 -4.30
N ALA A 247 -9.50 23.46 -4.85
CA ALA A 247 -9.76 22.05 -5.15
C ALA A 247 -9.82 21.16 -3.92
N CYS A 248 -9.60 21.71 -2.72
CA CYS A 248 -9.71 20.95 -1.49
C CYS A 248 -10.74 21.53 -0.53
N GLY A 249 -11.58 22.45 -1.00
CA GLY A 249 -12.72 22.91 -0.24
C GLY A 249 -12.49 23.80 0.97
N GLY A 250 -11.62 24.79 0.85
CA GLY A 250 -11.55 25.82 1.87
C GLY A 250 -10.69 25.55 3.10
N ASP A 251 -10.53 24.29 3.50
CA ASP A 251 -9.67 23.92 4.62
C ASP A 251 -8.57 22.96 4.19
N LEU A 252 -7.68 22.67 5.14
CA LEU A 252 -6.67 21.62 5.03
C LEU A 252 -7.33 20.23 5.01
N GLN A 253 -7.06 19.46 3.94
CA GLN A 253 -7.66 18.14 3.81
C GLN A 253 -6.73 17.08 4.38
N HIS A 254 -7.31 16.16 5.13
CA HIS A 254 -6.63 14.94 5.54
C HIS A 254 -7.03 13.83 4.59
N LEU A 255 -6.06 13.08 4.11
CA LEU A 255 -6.32 11.95 3.24
C LEU A 255 -5.87 10.67 3.93
N ILE A 256 -6.71 9.64 3.82
CA ILE A 256 -6.26 8.30 4.18
C ILE A 256 -5.25 7.86 3.12
N SER A 257 -4.22 7.12 3.56
CA SER A 257 -3.03 6.92 2.73
C SER A 257 -3.33 6.18 1.42
N ASP A 258 -4.49 5.52 1.36
CA ASP A 258 -4.84 4.76 0.18
C ASP A 258 -5.73 5.55 -0.79
N ALA A 259 -6.21 6.74 -0.40
CA ALA A 259 -6.74 7.70 -1.36
C ALA A 259 -5.67 8.68 -1.81
N ALA A 260 -4.69 8.95 -0.93
CA ALA A 260 -3.47 9.63 -1.34
C ALA A 260 -2.87 8.91 -2.53
N THR A 261 -2.48 7.64 -2.32
CA THR A 261 -1.90 6.87 -3.41
C THR A 261 -2.82 6.77 -4.63
N MET A 262 -4.02 7.35 -4.58
CA MET A 262 -4.81 7.42 -5.78
C MET A 262 -4.63 8.77 -6.47
N GLN A 263 -4.73 9.88 -5.72
CA GLN A 263 -4.51 11.20 -6.33
C GLN A 263 -3.07 11.40 -6.80
N LEU A 264 -2.11 10.69 -6.19
CA LEU A 264 -0.76 10.65 -6.73
C LEU A 264 -0.79 10.39 -8.23
N ILE A 265 -1.34 9.25 -8.60
CA ILE A 265 -1.37 8.84 -9.99
C ILE A 265 -2.37 9.68 -10.76
N ARG A 266 -3.36 10.21 -10.05
CA ARG A 266 -4.46 10.90 -10.72
C ARG A 266 -4.04 12.29 -11.16
N TRP A 267 -3.86 13.17 -10.17
CA TRP A 267 -3.59 14.58 -10.43
C TRP A 267 -2.16 14.68 -10.92
N THR A 268 -2.01 14.30 -12.19
CA THR A 268 -0.81 14.33 -12.99
C THR A 268 -0.49 15.74 -13.44
N ASP A 269 -1.21 16.71 -12.92
CA ASP A 269 -0.91 18.10 -13.16
C ASP A 269 0.09 18.66 -12.14
N GLY A 270 0.41 17.88 -11.10
CA GLY A 270 1.32 18.38 -10.09
C GLY A 270 0.68 19.44 -9.22
N GLY A 271 1.51 20.32 -8.68
CA GLY A 271 1.02 21.41 -7.88
C GLY A 271 0.41 21.04 -6.54
N PHE A 272 0.88 19.95 -5.91
CA PHE A 272 0.40 19.54 -4.58
C PHE A 272 1.56 19.07 -3.70
N GLY A 273 1.33 19.11 -2.39
CA GLY A 273 2.31 18.66 -1.43
C GLY A 273 1.69 17.71 -0.43
N MET A 274 2.49 16.78 0.03
CA MET A 274 1.99 15.82 0.99
C MET A 274 3.00 15.67 2.11
N ALA A 275 2.50 15.55 3.33
CA ALA A 275 3.34 15.23 4.49
C ALA A 275 2.83 13.95 5.13
N ALA A 276 3.74 13.08 5.53
CA ALA A 276 3.33 11.79 6.08
C ALA A 276 4.36 11.26 7.06
N HIS A 277 4.00 10.17 7.73
CA HIS A 277 4.90 9.45 8.61
C HIS A 277 6.08 8.85 7.84
N ASN A 278 7.04 8.34 8.60
CA ASN A 278 8.30 7.87 8.03
C ASN A 278 8.07 6.70 7.07
N TYR A 279 7.33 5.69 7.52
CA TYR A 279 7.07 4.51 6.70
C TYR A 279 6.17 4.85 5.49
N ASP A 280 4.97 5.38 5.74
CA ASP A 280 4.07 5.78 4.64
C ASP A 280 4.78 6.71 3.67
N GLY A 281 5.60 7.62 4.19
CA GLY A 281 6.26 8.57 3.32
C GLY A 281 7.24 7.89 2.40
N ASP A 282 7.92 6.85 2.91
CA ASP A 282 8.79 6.06 2.05
C ASP A 282 8.01 5.45 0.89
N MET A 283 6.89 4.78 1.19
CA MET A 283 6.12 4.11 0.14
C MET A 283 5.53 5.12 -0.85
N LEU A 284 4.91 6.18 -0.35
CA LEU A 284 4.29 7.14 -1.24
C LEU A 284 5.30 7.88 -2.09
N THR A 285 6.52 8.13 -1.59
CA THR A 285 7.48 8.82 -2.45
C THR A 285 8.06 7.90 -3.47
N ASP A 286 8.19 6.60 -3.18
CA ASP A 286 8.53 5.66 -4.25
C ASP A 286 7.50 5.75 -5.37
N GLN A 287 6.21 5.85 -5.00
CA GLN A 287 5.16 5.91 -6.02
C GLN A 287 5.20 7.24 -6.80
N ILE A 288 5.41 8.36 -6.10
CA ILE A 288 5.55 9.64 -6.80
C ILE A 288 6.71 9.57 -7.76
N ALA A 289 7.80 8.95 -7.32
CA ALA A 289 8.92 8.77 -8.21
C ALA A 289 8.48 8.09 -9.49
N GLN A 290 7.71 7.01 -9.36
CA GLN A 290 7.33 6.27 -10.56
C GLN A 290 6.45 7.11 -11.50
N VAL A 291 5.48 7.85 -10.96
CA VAL A 291 4.63 8.66 -11.85
C VAL A 291 5.49 9.59 -12.72
N HIS A 292 6.53 10.18 -12.13
CA HIS A 292 7.45 11.16 -12.71
C HIS A 292 8.73 10.40 -13.13
N ARG A 293 8.93 10.10 -14.40
CA ARG A 293 10.11 9.30 -14.83
C ARG A 293 10.55 8.15 -13.91
N SER A 294 11.63 8.32 -13.10
CA SER A 294 12.22 7.23 -12.31
C SER A 294 12.66 7.69 -10.93
N PRO A 295 13.14 6.80 -10.03
CA PRO A 295 13.57 7.31 -8.71
C PRO A 295 14.65 8.36 -8.78
N GLY A 296 15.56 8.31 -9.73
CA GLY A 296 16.57 9.35 -9.80
C GLY A 296 16.09 10.76 -10.08
N PHE A 297 14.80 10.95 -10.29
CA PHE A 297 14.25 12.26 -10.55
C PHE A 297 13.50 12.84 -9.35
N ILE A 298 13.80 12.36 -8.13
CA ILE A 298 13.22 12.81 -6.88
C ILE A 298 14.36 13.14 -5.93
N THR A 299 14.29 14.30 -5.27
CA THR A 299 15.35 14.65 -4.33
C THR A 299 15.29 13.76 -3.10
N SER A 300 16.33 13.84 -2.27
CA SER A 300 16.27 13.17 -0.96
C SER A 300 17.08 14.03 0.03
N ASN A 301 16.39 14.96 0.69
CA ASN A 301 17.01 16.08 1.39
C ASN A 301 16.64 16.05 2.86
N LEU A 302 17.59 15.75 3.72
CA LEU A 302 17.35 15.85 5.15
C LEU A 302 17.35 17.30 5.60
N VAL A 303 16.35 17.68 6.36
CA VAL A 303 16.30 18.97 7.03
C VAL A 303 16.14 18.70 8.51
N GLY A 304 17.01 19.30 9.31
CA GLY A 304 17.02 19.13 10.75
C GLY A 304 17.42 20.41 11.47
N LYS A 305 17.51 20.31 12.79
CA LYS A 305 17.80 21.46 13.62
C LYS A 305 19.13 21.25 14.33
N ALA A 306 20.02 22.23 14.18
CA ALA A 306 21.30 22.29 14.90
C ALA A 306 21.09 22.88 16.31
N PRO A 307 22.05 22.66 17.21
CA PRO A 307 21.95 23.28 18.56
C PRO A 307 21.67 24.79 18.58
N ASP A 308 22.39 25.58 17.75
CA ASP A 308 22.21 27.03 17.62
C ASP A 308 20.80 27.40 17.13
N GLY A 309 20.01 26.45 16.61
CA GLY A 309 18.74 26.70 15.96
C GLY A 309 18.80 26.93 14.46
N SER A 310 19.97 26.86 13.84
CA SER A 310 19.97 27.02 12.38
C SER A 310 19.50 25.72 11.72
N LEU A 311 19.09 25.83 10.47
CA LEU A 311 18.62 24.66 9.74
C LEU A 311 19.83 23.89 9.24
N ILE A 312 19.82 22.57 9.46
CA ILE A 312 20.82 21.67 8.92
C ILE A 312 20.25 21.01 7.68
N LYS A 313 20.95 21.12 6.55
CA LYS A 313 20.46 20.55 5.31
C LYS A 313 21.48 19.63 4.69
N GLU A 314 21.04 18.39 4.44
CA GLU A 314 21.84 17.40 3.73
C GLU A 314 21.07 17.01 2.48
N PHE A 315 21.76 16.92 1.35
CA PHE A 315 21.13 16.65 0.07
C PHE A 315 21.68 15.37 -0.53
N GLU A 316 20.80 14.56 -1.11
CA GLU A 316 21.22 13.34 -1.77
C GLU A 316 20.38 13.12 -3.02
N ALA A 317 20.97 12.40 -3.96
CA ALA A 317 20.18 11.83 -5.04
C ALA A 317 19.40 10.63 -4.52
N SER A 318 18.36 10.24 -5.26
CA SER A 318 17.53 9.12 -4.86
C SER A 318 17.93 7.82 -5.54
N HIS A 319 19.19 7.66 -5.96
CA HIS A 319 19.72 6.42 -6.53
C HIS A 319 21.00 6.02 -5.80
N GLY A 320 21.51 4.85 -6.15
CA GLY A 320 22.71 4.30 -5.55
C GLY A 320 23.95 4.59 -6.36
N THR A 321 24.97 3.78 -6.13
CA THR A 321 26.30 3.97 -6.73
C THR A 321 26.37 3.47 -8.16
N VAL A 322 25.30 2.81 -8.63
CA VAL A 322 25.14 2.39 -10.01
C VAL A 322 26.25 1.41 -10.35
N SER A 323 26.23 0.25 -9.67
CA SER A 323 27.28 -0.75 -9.78
C SER A 323 27.48 -1.25 -11.22
N ASP A 324 26.39 -1.47 -11.96
CA ASP A 324 26.56 -2.08 -13.28
C ASP A 324 27.32 -1.15 -14.22
N LEU A 325 27.01 0.14 -14.20
CA LEU A 325 27.81 1.08 -14.98
C LEU A 325 29.24 1.18 -14.48
N TRP A 326 29.48 0.91 -13.19
CA TRP A 326 30.84 0.84 -12.67
C TRP A 326 31.59 -0.32 -13.31
N ASN A 327 30.97 -1.51 -13.33
CA ASN A 327 31.55 -2.64 -14.03
C ASN A 327 31.93 -2.25 -15.46
N ASP A 328 31.00 -1.59 -16.17
CA ASP A 328 31.30 -1.18 -17.54
C ASP A 328 32.48 -0.22 -17.60
N HIS A 329 32.53 0.75 -16.69
CA HIS A 329 33.59 1.75 -16.69
C HIS A 329 34.95 1.12 -16.47
N LEU A 330 35.08 0.21 -15.52
CA LEU A 330 36.37 -0.40 -15.29
C LEU A 330 36.84 -1.17 -16.52
N ALA A 331 35.89 -1.70 -17.31
CA ALA A 331 36.22 -2.44 -18.53
C ALA A 331 36.36 -1.55 -19.75
N GLY A 332 36.49 -0.24 -19.53
CA GLY A 332 36.59 0.69 -20.64
C GLY A 332 35.46 0.71 -21.64
N LYS A 333 34.28 0.20 -21.29
CA LYS A 333 33.15 0.44 -22.17
C LYS A 333 32.55 1.79 -21.75
N GLU A 334 32.04 2.57 -22.71
CA GLU A 334 31.47 3.86 -22.33
C GLU A 334 30.20 3.71 -21.47
N THR A 335 29.93 4.77 -20.69
CA THR A 335 28.78 4.84 -19.79
C THR A 335 28.01 6.12 -20.04
N SER A 336 26.79 6.14 -19.56
CA SER A 336 25.95 7.32 -19.74
C SER A 336 25.04 7.42 -18.50
N LEU A 337 25.59 7.99 -17.43
CA LEU A 337 24.83 8.14 -16.21
C LEU A 337 24.24 9.54 -16.17
N ASN A 338 22.95 9.62 -15.89
CA ASN A 338 22.30 10.91 -15.73
C ASN A 338 22.73 11.58 -14.42
N PRO A 339 23.47 12.69 -14.46
CA PRO A 339 23.92 13.29 -13.19
C PRO A 339 22.90 14.23 -12.60
N LEU A 340 21.72 14.33 -13.20
CA LEU A 340 20.74 15.34 -12.80
C LEU A 340 20.47 15.33 -11.29
N GLY A 341 20.12 14.18 -10.73
CA GLY A 341 19.81 14.13 -9.31
C GLY A 341 20.98 14.54 -8.42
N LEU A 342 22.17 14.00 -8.72
CA LEU A 342 23.38 14.34 -7.97
C LEU A 342 23.68 15.83 -8.03
N VAL A 343 23.56 16.44 -9.21
CA VAL A 343 23.80 17.86 -9.35
C VAL A 343 22.78 18.65 -8.55
N GLU A 344 21.52 18.24 -8.63
CA GLU A 344 20.52 18.95 -7.85
C GLU A 344 20.89 18.93 -6.37
N ALA A 345 21.47 17.80 -5.91
CA ALA A 345 21.89 17.68 -4.53
C ALA A 345 23.09 18.56 -4.24
N ILE A 346 24.06 18.60 -5.16
CA ILE A 346 25.27 19.37 -4.94
C ILE A 346 24.96 20.86 -4.90
N VAL A 347 24.14 21.35 -5.82
CA VAL A 347 23.92 22.78 -5.80
C VAL A 347 22.97 23.17 -4.70
N GLY A 348 22.10 22.25 -4.25
CA GLY A 348 21.34 22.52 -3.04
C GLY A 348 22.23 22.65 -1.83
N ALA A 349 23.16 21.73 -1.65
CA ALA A 349 24.12 21.81 -0.54
C ALA A 349 24.94 23.11 -0.61
N LEU A 350 25.42 23.46 -1.82
CA LEU A 350 26.21 24.67 -1.99
C LEU A 350 25.41 25.93 -1.70
N GLN A 351 24.16 25.97 -2.14
CA GLN A 351 23.28 27.08 -1.79
C GLN A 351 23.10 27.20 -0.28
N HIS A 352 22.84 26.08 0.39
CA HIS A 352 22.57 26.20 1.81
C HIS A 352 23.83 26.58 2.58
N ALA A 353 24.99 26.10 2.12
CA ALA A 353 26.26 26.54 2.70
C ALA A 353 26.41 28.06 2.61
N ALA A 354 26.12 28.64 1.44
CA ALA A 354 26.23 30.11 1.32
C ALA A 354 25.23 30.81 2.24
N VAL A 355 24.02 30.28 2.33
CA VAL A 355 22.98 30.87 3.18
C VAL A 355 23.41 30.83 4.65
N LEU A 356 23.95 29.68 5.08
CA LEU A 356 24.40 29.53 6.45
C LEU A 356 25.57 30.46 6.74
N ASP A 357 26.47 30.64 5.78
CA ASP A 357 27.60 31.53 5.96
C ASP A 357 27.12 32.95 6.24
N ALA A 358 26.14 33.41 5.46
CA ALA A 358 25.61 34.74 5.70
C ALA A 358 24.89 34.82 7.05
N GLU A 359 24.04 33.84 7.36
CA GLU A 359 23.25 33.90 8.58
C GLU A 359 24.13 33.84 9.82
N LYS A 360 25.22 33.07 9.79
CA LYS A 360 26.12 32.96 10.93
C LYS A 360 27.07 34.13 11.03
N ASN A 361 27.24 34.92 9.96
CA ASN A 361 28.07 36.11 10.02
C ASN A 361 27.37 37.29 9.38
N PRO A 362 26.31 37.82 10.00
CA PRO A 362 25.86 39.17 9.66
C PRO A 362 26.89 40.17 10.17
N ASP A 363 26.72 41.42 9.74
CA ASP A 363 27.78 42.43 9.77
C ASP A 363 29.00 42.00 8.98
N ASP A 364 28.82 41.13 7.97
CA ASP A 364 29.86 40.80 7.01
C ASP A 364 29.37 41.15 5.61
N GLU A 365 30.06 42.07 4.96
CA GLU A 365 29.68 42.49 3.61
C GLU A 365 29.76 41.34 2.61
N HIS A 366 30.97 40.88 2.26
CA HIS A 366 31.14 39.92 1.18
C HIS A 366 30.79 38.51 1.64
N LYS A 367 29.55 38.38 2.12
CA LYS A 367 29.03 37.06 2.43
C LYS A 367 27.57 37.06 2.03
N VAL A 368 26.89 38.17 2.29
CA VAL A 368 25.58 38.41 1.71
C VAL A 368 25.62 38.61 0.20
N LYS A 369 26.75 38.99 -0.38
CA LYS A 369 26.76 39.03 -1.84
C LYS A 369 27.42 37.80 -2.44
N ALA A 370 28.30 37.14 -1.69
CA ALA A 370 28.70 35.80 -2.07
C ALA A 370 27.49 34.85 -2.16
N ARG A 371 26.49 35.03 -1.28
CA ARG A 371 25.26 34.26 -1.39
C ARG A 371 24.64 34.47 -2.76
N ASP A 372 24.49 35.73 -3.15
CA ASP A 372 23.81 36.05 -4.40
C ASP A 372 24.63 35.57 -5.60
N GLN A 373 25.95 35.66 -5.49
CA GLN A 373 26.81 35.05 -6.50
C GLN A 373 26.50 33.57 -6.67
N ILE A 374 26.51 32.79 -5.59
CA ILE A 374 26.20 31.35 -5.66
C ILE A 374 24.89 31.11 -6.39
N PHE A 375 23.85 31.85 -6.04
CA PHE A 375 22.53 31.58 -6.58
C PHE A 375 22.44 31.93 -8.06
N ASN A 376 23.08 33.03 -8.46
CA ASN A 376 23.16 33.34 -9.88
C ASN A 376 23.90 32.24 -10.63
N PHE A 377 25.03 31.80 -10.07
CA PHE A 377 25.79 30.74 -10.72
C PHE A 377 24.93 29.49 -10.89
N THR A 378 24.31 29.00 -9.79
CA THR A 378 23.55 27.76 -9.88
C THR A 378 22.41 27.89 -10.86
N THR A 379 21.86 29.08 -11.01
CA THR A 379 20.80 29.26 -12.01
C THR A 379 21.34 29.11 -13.44
N THR A 380 22.46 29.73 -13.75
CA THR A 380 22.94 29.53 -15.11
C THR A 380 23.46 28.10 -15.30
N LEU A 381 23.89 27.45 -14.22
CA LEU A 381 24.30 26.06 -14.29
C LEU A 381 23.12 25.15 -14.59
N ARG A 382 21.95 25.43 -13.97
CA ARG A 382 20.74 24.71 -14.36
C ARG A 382 20.37 24.96 -15.81
N THR A 383 20.46 26.21 -16.26
CA THR A 383 20.13 26.48 -17.65
C THR A 383 21.04 25.70 -18.59
N ALA A 384 22.34 25.64 -18.29
CA ALA A 384 23.26 24.95 -19.18
C ALA A 384 22.97 23.45 -19.20
N MET A 385 22.69 22.86 -18.05
CA MET A 385 22.40 21.43 -18.02
C MET A 385 21.06 21.11 -18.69
N HIS A 386 20.03 21.90 -18.40
CA HIS A 386 18.74 21.66 -19.03
C HIS A 386 18.84 21.82 -20.55
N ASN A 387 19.50 22.89 -21.01
CA ASN A 387 19.63 23.15 -22.43
C ASN A 387 20.40 22.04 -23.14
N THR A 388 21.53 21.59 -22.57
CA THR A 388 22.24 20.46 -23.15
C THR A 388 21.31 19.28 -23.34
N PHE A 389 20.50 18.95 -22.32
CA PHE A 389 19.51 17.89 -22.50
C PHE A 389 18.59 18.19 -23.68
N ARG A 390 18.14 19.44 -23.81
CA ARG A 390 17.16 19.76 -24.86
C ARG A 390 17.79 19.77 -26.25
N TYR A 391 19.06 20.07 -26.34
CA TYR A 391 19.70 19.92 -27.64
C TYR A 391 19.88 18.47 -28.04
N GLY A 392 19.36 17.53 -27.25
CA GLY A 392 19.57 16.13 -27.53
C GLY A 392 20.94 15.61 -27.17
N GLN A 393 21.76 16.38 -26.49
CA GLN A 393 23.09 15.94 -26.11
C GLN A 393 23.13 15.56 -24.63
N GLY A 394 21.97 15.28 -24.06
CA GLY A 394 21.89 14.72 -22.74
C GLY A 394 22.39 13.29 -22.72
N THR A 395 22.30 12.67 -21.55
CA THR A 395 22.61 11.26 -21.45
C THR A 395 21.54 10.43 -22.17
N ARG A 396 21.90 9.19 -22.47
CA ARG A 396 21.12 8.38 -23.41
C ARG A 396 19.77 7.92 -22.87
N ASP A 397 19.55 7.99 -21.56
CA ASP A 397 18.25 7.62 -20.99
C ASP A 397 17.22 8.72 -21.19
N MET A 398 17.67 9.90 -21.59
CA MET A 398 16.80 11.03 -21.93
C MET A 398 16.84 11.34 -23.41
N SER A 399 18.01 11.21 -24.03
CA SER A 399 18.24 11.61 -25.41
C SER A 399 18.31 10.44 -26.38
N GLY A 400 18.06 9.20 -25.92
CA GLY A 400 18.09 8.08 -26.84
C GLY A 400 19.53 7.81 -27.23
N PRO A 401 19.76 6.89 -28.17
CA PRO A 401 21.13 6.37 -28.39
C PRO A 401 22.13 7.39 -28.95
N SER A 402 21.70 8.49 -29.54
CA SER A 402 22.60 9.58 -29.96
C SER A 402 23.04 10.49 -28.81
N GLY A 403 22.54 10.29 -27.59
CA GLY A 403 23.01 11.08 -26.46
C GLY A 403 24.45 10.78 -26.10
N TYR A 404 25.06 11.70 -25.35
CA TYR A 404 26.48 11.68 -25.06
C TYR A 404 26.83 10.72 -23.93
N THR A 405 28.11 10.37 -23.84
CA THR A 405 28.60 9.66 -22.67
C THR A 405 28.56 10.57 -21.45
N THR A 406 28.69 9.96 -20.27
CA THR A 406 28.84 10.72 -19.03
C THR A 406 29.82 11.85 -19.24
N GLU A 407 30.97 11.49 -19.84
CA GLU A 407 32.10 12.41 -20.00
C GLU A 407 31.84 13.46 -21.07
N ASP A 408 31.18 13.06 -22.17
CA ASP A 408 30.89 14.05 -23.20
C ASP A 408 29.81 15.02 -22.74
N PHE A 409 28.82 14.51 -21.99
CA PHE A 409 27.79 15.40 -21.44
C PHE A 409 28.39 16.39 -20.46
N VAL A 410 29.27 15.92 -19.56
CA VAL A 410 29.88 16.83 -18.60
C VAL A 410 30.73 17.88 -19.32
N ARG A 411 31.47 17.46 -20.34
CA ARG A 411 32.25 18.45 -21.08
C ARG A 411 31.34 19.44 -21.82
N LYS A 412 30.25 18.97 -22.41
CA LYS A 412 29.38 19.86 -23.16
C LYS A 412 28.68 20.88 -22.25
N VAL A 413 28.20 20.42 -21.09
CA VAL A 413 27.60 21.35 -20.14
C VAL A 413 28.64 22.35 -19.62
N ALA A 414 29.88 21.90 -19.42
CA ALA A 414 30.90 22.85 -19.00
C ALA A 414 31.14 23.91 -20.07
N TRP A 415 31.14 23.51 -21.34
CA TRP A 415 31.31 24.46 -22.43
C TRP A 415 30.17 25.48 -22.44
N ARG A 416 28.93 25.00 -22.36
CA ARG A 416 27.80 25.92 -22.33
C ARG A 416 27.78 26.80 -21.09
N LEU A 417 28.29 26.29 -19.95
CA LEU A 417 28.26 27.07 -18.72
C LEU A 417 29.27 28.21 -18.79
N GLN A 418 30.48 27.90 -19.27
CA GLN A 418 31.48 28.92 -19.51
C GLN A 418 30.96 29.96 -20.50
N ARG A 419 30.25 29.53 -21.54
CA ARG A 419 29.80 30.53 -22.49
C ARG A 419 28.69 31.38 -21.92
N TYR A 420 27.73 30.75 -21.24
CA TYR A 420 26.62 31.51 -20.67
C TYR A 420 27.09 32.55 -19.66
N LEU A 421 28.18 32.28 -18.96
CA LEU A 421 28.62 33.24 -17.96
C LEU A 421 29.27 34.47 -18.58
N ASP A 422 29.44 34.49 -19.92
CA ASP A 422 30.09 35.57 -20.65
C ASP A 422 29.11 36.24 -21.60
N ALA A 423 27.82 36.18 -21.29
CA ALA A 423 26.78 36.78 -22.12
C ALA A 423 26.95 36.39 -23.59
N GLN A 424 27.17 35.10 -23.84
CA GLN A 424 27.34 34.59 -25.18
C GLN A 424 26.07 33.85 -25.62
N TYR A 425 25.29 34.46 -26.49
CA TYR A 425 24.05 33.86 -26.98
C TYR A 425 24.20 33.54 -28.48
N ASP A 426 24.98 32.51 -28.81
CA ASP A 426 25.02 32.08 -30.21
C ASP A 426 24.17 30.83 -30.37
N GLU A 427 24.76 29.76 -30.90
CA GLU A 427 24.07 28.49 -30.99
C GLU A 427 22.72 28.64 -31.65
N ALA A 428 21.67 28.92 -30.84
CA ALA A 428 20.24 29.03 -31.20
C ALA A 428 19.45 28.27 -30.15
N PRO A 429 18.26 28.72 -29.76
CA PRO A 429 17.62 28.14 -28.59
C PRO A 429 17.20 26.69 -28.88
N PRO A 430 17.38 25.78 -27.91
CA PRO A 430 16.90 24.41 -28.08
C PRO A 430 15.39 24.38 -28.07
N PRO A 431 14.80 23.27 -28.50
CA PRO A 431 13.35 23.20 -28.62
C PRO A 431 12.70 22.78 -27.32
N GLN A 432 11.40 23.04 -27.23
CA GLN A 432 10.56 22.37 -26.26
C GLN A 432 10.49 20.89 -26.61
N LEU A 433 10.46 20.03 -25.58
CA LEU A 433 10.44 18.60 -25.85
C LEU A 433 9.15 18.01 -25.28
N GLY A 434 9.23 17.03 -24.41
CA GLY A 434 8.11 16.14 -24.12
C GLY A 434 8.78 14.88 -23.63
N GLU A 435 8.05 14.11 -22.86
CA GLU A 435 8.73 13.04 -22.13
C GLU A 435 9.46 12.10 -23.10
N PRO A 436 10.77 11.97 -22.98
CA PRO A 436 11.50 10.94 -23.70
C PRO A 436 10.87 9.60 -23.37
N SER A 437 10.46 8.82 -24.36
CA SER A 437 9.82 7.54 -24.09
C SER A 437 10.62 6.81 -23.03
N ARG A 438 9.92 6.43 -21.94
CA ARG A 438 10.51 5.82 -20.75
C ARG A 438 11.20 4.48 -21.03
N LYS A 439 11.08 3.92 -22.23
CA LYS A 439 11.79 2.69 -22.49
C LYS A 439 13.31 2.91 -22.49
N LEU A 440 13.75 4.16 -22.75
CA LEU A 440 15.16 4.52 -22.73
C LEU A 440 15.77 4.42 -21.33
N ARG A 441 14.94 4.45 -20.29
CA ARG A 441 15.41 4.26 -18.93
C ARG A 441 16.25 2.99 -18.82
N ARG A 442 17.34 3.09 -18.05
CA ARG A 442 18.20 1.94 -17.75
C ARG A 442 17.42 0.87 -17.00
N ASN A 443 17.74 -0.39 -17.30
CA ASN A 443 17.17 -1.57 -16.62
C ASN A 443 15.63 -1.58 -16.66
N TYR A 444 15.04 -1.10 -17.75
CA TYR A 444 13.59 -1.05 -17.87
C TYR A 444 13.30 -1.37 -19.32
N ASP A 445 12.95 -2.64 -19.56
CA ASP A 445 12.62 -3.12 -20.90
C ASP A 445 11.26 -3.77 -20.81
N ILE A 446 10.29 -3.25 -21.56
CA ILE A 446 8.91 -3.73 -21.47
C ILE A 446 8.80 -5.12 -22.12
N ASP A 447 7.78 -5.85 -21.69
CA ASP A 447 7.49 -7.16 -22.28
C ASP A 447 6.44 -6.94 -23.36
N GLU A 448 6.89 -6.41 -24.50
CA GLU A 448 6.00 -5.88 -25.53
C GLU A 448 4.89 -6.86 -25.95
N GLU A 449 5.12 -8.18 -25.87
CA GLU A 449 4.10 -9.12 -26.30
C GLU A 449 2.96 -9.24 -25.26
N ALA A 450 3.31 -9.17 -23.96
CA ALA A 450 2.28 -9.03 -22.94
C ALA A 450 1.37 -7.82 -23.23
N ILE A 451 1.98 -6.66 -23.51
CA ILE A 451 1.21 -5.44 -23.75
C ILE A 451 0.47 -5.55 -25.09
N ASN A 452 1.01 -6.35 -26.02
CA ASN A 452 0.22 -6.79 -27.17
C ASN A 452 -1.05 -7.39 -26.63
N GLY A 453 -0.93 -8.52 -25.92
CA GLY A 453 -2.07 -9.19 -25.31
C GLY A 453 -3.11 -8.20 -24.83
N LEU A 454 -2.67 -7.19 -24.09
CA LEU A 454 -3.64 -6.24 -23.53
C LEU A 454 -4.26 -5.33 -24.59
N PHE A 455 -3.49 -4.86 -25.58
CA PHE A 455 -4.11 -3.96 -26.58
C PHE A 455 -4.82 -4.69 -27.72
N GLN A 456 -4.11 -5.64 -28.33
CA GLN A 456 -4.55 -6.43 -29.48
C GLN A 456 -5.85 -7.19 -29.25
N LYS A 457 -6.06 -7.65 -28.00
CA LYS A 457 -7.20 -8.36 -27.44
C LYS A 457 -8.13 -7.47 -26.64
N TYR A 458 -7.68 -7.12 -25.43
CA TYR A 458 -8.49 -6.75 -24.28
C TYR A 458 -9.44 -5.60 -24.50
N ASP A 459 -9.06 -4.64 -25.32
CA ASP A 459 -9.99 -3.58 -25.68
C ASP A 459 -10.13 -3.64 -27.19
N LYS A 460 -10.96 -4.59 -27.57
CA LYS A 460 -11.32 -5.08 -28.88
C LYS A 460 -12.10 -4.01 -29.64
N ASN A 461 -13.42 -4.15 -29.89
CA ASN A 461 -14.12 -3.20 -30.76
C ASN A 461 -13.55 -3.13 -32.15
N GLY A 462 -13.23 -4.30 -32.64
CA GLY A 462 -12.74 -4.50 -33.98
C GLY A 462 -11.24 -4.40 -34.10
N ASP A 463 -10.84 -3.85 -35.23
CA ASP A 463 -9.44 -3.55 -35.51
C ASP A 463 -9.11 -2.28 -34.77
N GLY A 464 -8.41 -2.43 -33.64
CA GLY A 464 -8.15 -1.33 -32.73
C GLY A 464 -9.45 -0.69 -32.30
N PHE A 465 -9.99 0.18 -33.18
CA PHE A 465 -11.23 0.94 -33.02
C PHE A 465 -11.59 1.19 -31.56
N ILE A 466 -10.68 1.78 -30.83
CA ILE A 466 -10.92 2.24 -29.48
C ILE A 466 -11.32 3.70 -29.57
N ASP A 467 -12.58 4.02 -29.25
CA ASP A 467 -12.76 5.42 -28.80
C ASP A 467 -13.78 5.52 -27.66
N PHE A 468 -13.30 6.08 -26.55
CA PHE A 468 -13.93 6.05 -25.24
C PHE A 468 -14.30 4.61 -24.94
N GLU A 469 -15.59 4.35 -24.74
CA GLU A 469 -16.19 3.02 -24.53
C GLU A 469 -15.21 1.98 -24.00
N GLU A 470 -14.26 1.54 -24.84
CA GLU A 470 -13.22 0.64 -24.36
C GLU A 470 -12.24 1.35 -23.44
N PHE A 471 -11.88 2.61 -23.74
CA PHE A 471 -11.10 3.37 -22.78
C PHE A 471 -11.83 3.50 -21.47
N THR A 472 -13.08 3.99 -21.51
CA THR A 472 -13.84 4.13 -20.27
C THR A 472 -13.94 2.80 -19.55
N ARG A 473 -14.35 1.73 -20.24
CA ARG A 473 -14.44 0.45 -19.58
C ARG A 473 -13.08 0.07 -19.00
N MET A 474 -12.01 0.15 -19.81
CA MET A 474 -10.66 -0.20 -19.36
C MET A 474 -10.41 0.47 -18.00
N LEU A 475 -10.69 1.77 -17.91
CA LEU A 475 -10.44 2.46 -16.66
C LEU A 475 -11.34 1.90 -15.58
N VAL A 476 -12.56 1.49 -15.95
CA VAL A 476 -13.48 0.89 -14.97
C VAL A 476 -12.98 -0.50 -14.49
N LYS A 477 -12.68 -1.43 -15.42
CA LYS A 477 -12.24 -2.80 -15.06
C LYS A 477 -10.94 -2.81 -14.26
N MET A 478 -10.00 -1.92 -14.54
CA MET A 478 -8.81 -1.97 -13.69
C MET A 478 -9.06 -1.35 -12.32
N ASN A 479 -10.25 -0.79 -12.10
CA ASN A 479 -10.55 0.08 -10.98
C ASN A 479 -9.70 1.37 -11.00
N LEU A 480 -9.67 2.07 -12.15
CA LEU A 480 -9.01 3.37 -12.16
C LEU A 480 -9.88 4.47 -12.78
N ALA A 481 -11.17 4.32 -12.73
CA ALA A 481 -12.03 5.43 -13.15
C ALA A 481 -12.28 6.37 -11.97
N PRO A 482 -12.12 7.69 -12.15
CA PRO A 482 -12.41 8.64 -11.06
C PRO A 482 -13.90 8.64 -10.75
N LEU A 483 -14.23 8.51 -9.46
CA LEU A 483 -15.60 8.39 -8.99
C LEU A 483 -16.16 9.77 -8.62
N LEU A 484 -17.27 9.74 -7.90
CA LEU A 484 -18.15 10.81 -7.43
C LEU A 484 -17.55 11.51 -6.21
N THR A 485 -18.07 12.69 -5.86
CA THR A 485 -17.56 13.39 -4.67
C THR A 485 -18.13 12.69 -3.42
N LYS A 486 -18.04 13.28 -2.23
CA LYS A 486 -18.76 12.62 -1.12
C LYS A 486 -20.25 13.02 -1.17
N GLU B 5 -45.77 -33.04 4.67
CA GLU B 5 -44.42 -32.51 4.79
C GLU B 5 -43.50 -33.61 5.29
N ASN B 6 -42.55 -34.03 4.45
CA ASN B 6 -41.54 -34.96 4.92
C ASN B 6 -40.22 -34.29 4.60
N LYS B 7 -39.92 -33.26 5.38
CA LYS B 7 -38.79 -32.40 5.05
C LYS B 7 -37.54 -32.85 5.78
N VAL B 8 -36.41 -32.56 5.19
CA VAL B 8 -35.14 -32.99 5.75
C VAL B 8 -34.81 -32.15 6.98
N VAL B 9 -34.24 -32.79 7.98
CA VAL B 9 -33.86 -32.10 9.20
C VAL B 9 -32.44 -31.60 9.00
N ALA B 10 -32.28 -30.29 8.87
CA ALA B 10 -30.97 -29.70 8.69
C ALA B 10 -30.11 -29.97 9.92
N PRO B 11 -28.81 -30.20 9.74
CA PRO B 11 -27.92 -30.41 10.89
C PRO B 11 -27.83 -29.17 11.76
N PRO B 12 -27.37 -29.33 13.00
CA PRO B 12 -27.21 -28.18 13.90
C PRO B 12 -26.22 -27.17 13.37
N MET B 13 -26.55 -25.88 13.56
CA MET B 13 -25.81 -24.78 12.96
C MET B 13 -26.05 -23.52 13.78
N VAL B 14 -25.01 -22.68 13.93
CA VAL B 14 -25.18 -21.39 14.59
C VAL B 14 -25.61 -20.37 13.56
N TYR B 15 -26.60 -19.54 13.93
CA TYR B 15 -27.09 -18.48 13.05
C TYR B 15 -27.12 -17.16 13.81
N ILE B 16 -26.21 -16.25 13.43
CA ILE B 16 -26.10 -14.95 14.06
C ILE B 16 -26.75 -13.91 13.16
N ALA B 17 -27.76 -13.21 13.67
CA ALA B 17 -28.48 -12.20 12.90
C ALA B 17 -28.08 -10.77 13.33
N GLY B 18 -28.25 -9.84 12.39
CA GLY B 18 -27.97 -8.44 12.63
C GLY B 18 -29.25 -7.62 12.52
N GLU B 19 -29.22 -6.60 11.68
CA GLU B 19 -30.31 -5.66 11.61
C GLU B 19 -30.50 -5.21 10.17
N GLU B 20 -31.57 -4.45 9.94
CA GLU B 20 -31.72 -3.64 8.74
C GLU B 20 -31.88 -4.47 7.47
N MET B 21 -31.34 -3.97 6.36
CA MET B 21 -31.66 -4.56 5.07
C MET B 21 -31.17 -5.99 4.98
N THR B 22 -30.03 -6.29 5.59
CA THR B 22 -29.50 -7.64 5.47
C THR B 22 -30.29 -8.61 6.35
N ARG B 23 -30.73 -8.19 7.52
CA ARG B 23 -31.63 -9.07 8.28
C ARG B 23 -32.91 -9.34 7.50
N TYR B 24 -33.48 -8.30 6.89
CA TYR B 24 -34.70 -8.48 6.12
C TYR B 24 -34.51 -9.43 4.93
N ALA B 25 -33.41 -9.27 4.20
CA ALA B 25 -33.18 -10.12 3.03
C ALA B 25 -32.77 -11.54 3.40
N CYS B 26 -32.03 -11.74 4.49
CA CYS B 26 -31.74 -13.11 4.90
C CYS B 26 -33.00 -13.82 5.35
N ASP B 27 -33.84 -13.14 6.15
CA ASP B 27 -35.13 -13.70 6.49
C ASP B 27 -35.92 -14.09 5.24
N LEU B 28 -35.87 -13.25 4.22
CA LEU B 28 -36.60 -13.56 3.00
C LEU B 28 -36.05 -14.79 2.33
N VAL B 29 -34.72 -14.91 2.29
CA VAL B 29 -34.07 -16.03 1.60
C VAL B 29 -34.30 -17.34 2.34
N VAL B 30 -34.12 -17.35 3.67
CA VAL B 30 -34.36 -18.57 4.41
C VAL B 30 -35.81 -19.03 4.26
N LYS B 31 -36.77 -18.10 4.35
CA LYS B 31 -38.17 -18.51 4.24
C LYS B 31 -38.50 -19.03 2.83
N SER B 32 -37.90 -18.46 1.78
CA SER B 32 -38.33 -18.86 0.45
C SER B 32 -37.57 -20.07 -0.09
N TRP B 33 -36.28 -20.21 0.23
CA TRP B 33 -35.44 -21.23 -0.38
C TRP B 33 -35.12 -22.41 0.54
N LEU B 34 -35.28 -22.25 1.86
CA LEU B 34 -34.86 -23.28 2.81
C LEU B 34 -36.03 -23.89 3.58
N GLU B 35 -36.85 -23.11 4.28
CA GLU B 35 -37.96 -23.71 5.01
C GLU B 35 -38.90 -24.55 4.13
N PRO B 36 -39.14 -24.22 2.86
CA PRO B 36 -39.87 -25.15 1.98
C PRO B 36 -39.36 -26.57 2.04
N TYR B 37 -38.06 -26.75 2.26
CA TYR B 37 -37.43 -28.06 2.10
C TYR B 37 -36.79 -28.59 3.38
N PHE B 38 -36.66 -27.78 4.43
CA PHE B 38 -35.87 -28.15 5.60
C PHE B 38 -36.61 -27.88 6.89
N ASP B 39 -36.52 -28.82 7.83
CA ASP B 39 -36.82 -28.52 9.22
C ASP B 39 -35.61 -27.82 9.83
N LEU B 40 -35.76 -26.57 10.24
CA LEU B 40 -34.56 -25.97 10.81
C LEU B 40 -34.44 -26.43 12.24
N SER B 41 -34.94 -25.65 13.20
CA SER B 41 -35.15 -26.12 14.57
C SER B 41 -33.88 -26.55 15.29
N GLN B 42 -32.97 -27.26 14.60
CA GLN B 42 -31.62 -27.43 15.12
C GLN B 42 -30.71 -26.21 14.87
N TRP B 43 -31.15 -25.21 14.11
CA TRP B 43 -30.40 -23.98 14.06
C TRP B 43 -30.58 -23.24 15.38
N GLU B 44 -29.51 -22.62 15.83
CA GLU B 44 -29.48 -21.89 17.09
C GLU B 44 -29.29 -20.40 16.77
N TYR B 45 -30.38 -19.64 16.80
CA TYR B 45 -30.30 -18.23 16.44
C TYR B 45 -29.73 -17.41 17.59
N PHE B 46 -29.07 -16.32 17.23
CA PHE B 46 -28.64 -15.31 18.18
C PHE B 46 -28.85 -13.93 17.58
N ASP B 47 -29.50 -13.05 18.34
CA ASP B 47 -29.81 -11.70 17.90
C ASP B 47 -28.64 -10.79 18.28
N LEU B 48 -27.87 -10.36 17.30
CA LEU B 48 -26.78 -9.44 17.56
C LEU B 48 -27.09 -8.04 17.09
N SER B 49 -28.39 -7.72 17.03
CA SER B 49 -28.86 -6.35 16.95
C SER B 49 -28.11 -5.46 17.93
N CYS B 50 -27.92 -4.20 17.54
CA CYS B 50 -27.30 -3.22 18.43
C CYS B 50 -28.03 -3.15 19.78
N VAL B 51 -29.35 -3.05 19.72
CA VAL B 51 -30.17 -2.94 20.92
C VAL B 51 -30.06 -4.21 21.76
N ASN B 52 -30.18 -5.38 21.11
CA ASN B 52 -30.08 -6.62 21.87
C ASN B 52 -28.66 -6.87 22.38
N ARG B 53 -27.65 -6.45 21.64
CA ARG B 53 -26.29 -6.57 22.16
C ARG B 53 -26.13 -5.69 23.38
N ASP B 54 -26.82 -4.54 23.42
CA ASP B 54 -26.59 -3.61 24.53
C ASP B 54 -27.42 -3.96 25.76
N ASN B 55 -28.63 -4.48 25.58
CA ASN B 55 -29.44 -4.89 26.73
C ASN B 55 -28.81 -6.05 27.48
N THR B 56 -28.26 -7.01 26.75
CA THR B 56 -27.65 -8.18 27.36
C THR B 56 -26.20 -7.94 27.76
N ASN B 57 -25.71 -6.70 27.66
CA ASN B 57 -24.30 -6.38 27.80
C ASN B 57 -23.42 -7.47 27.16
N ASP B 58 -23.74 -7.76 25.89
CA ASP B 58 -23.02 -8.71 25.03
C ASP B 58 -23.02 -10.14 25.55
N GLN B 59 -23.98 -10.51 26.41
CA GLN B 59 -24.12 -11.91 26.77
C GLN B 59 -24.63 -12.73 25.59
N VAL B 60 -25.38 -12.11 24.68
CA VAL B 60 -25.75 -12.82 23.46
C VAL B 60 -24.51 -13.11 22.63
N LEU B 61 -23.49 -12.23 22.67
CA LEU B 61 -22.25 -12.53 21.98
C LEU B 61 -21.51 -13.71 22.62
N ARG B 62 -21.50 -13.79 23.96
CA ARG B 62 -20.84 -14.92 24.61
C ARG B 62 -21.60 -16.21 24.36
N ASP B 63 -22.92 -16.13 24.21
CA ASP B 63 -23.72 -17.30 23.87
C ASP B 63 -23.52 -17.74 22.43
N ALA B 64 -23.37 -16.79 21.50
CA ALA B 64 -23.05 -17.12 20.12
C ALA B 64 -21.68 -17.79 20.01
N VAL B 65 -20.68 -17.24 20.70
CA VAL B 65 -19.35 -17.87 20.68
C VAL B 65 -19.41 -19.28 21.25
N THR B 66 -20.12 -19.45 22.39
CA THR B 66 -20.24 -20.78 23.01
C THR B 66 -20.89 -21.78 22.06
N ALA B 67 -22.03 -21.39 21.48
CA ALA B 67 -22.71 -22.23 20.51
C ALA B 67 -21.79 -22.55 19.33
N GLY B 68 -20.97 -21.59 18.91
CA GLY B 68 -20.06 -21.83 17.80
C GLY B 68 -18.96 -22.84 18.11
N GLN B 69 -18.37 -22.81 19.32
CA GLN B 69 -17.36 -23.83 19.55
C GLN B 69 -18.00 -25.20 19.69
N ARG B 70 -19.18 -25.28 20.32
CA ARG B 70 -19.78 -26.58 20.52
C ARG B 70 -20.26 -27.18 19.21
N ILE B 71 -20.87 -26.37 18.33
CA ILE B 71 -21.43 -26.80 17.03
C ILE B 71 -20.42 -26.70 15.91
N GLY B 72 -19.66 -25.62 15.84
CA GLY B 72 -18.52 -25.54 14.92
C GLY B 72 -18.81 -25.12 13.50
N ALA B 73 -20.04 -24.73 13.18
CA ALA B 73 -20.41 -24.27 11.83
C ALA B 73 -21.42 -23.15 12.01
N ILE B 74 -21.06 -21.96 11.54
CA ILE B 74 -21.84 -20.79 11.89
C ILE B 74 -21.95 -19.83 10.71
N PHE B 75 -23.17 -19.42 10.39
CA PHE B 75 -23.41 -18.28 9.50
C PHE B 75 -23.68 -17.02 10.33
N LYS B 76 -23.04 -15.92 9.96
CA LYS B 76 -23.20 -14.63 10.64
C LYS B 76 -23.63 -13.56 9.64
N GLU B 77 -24.64 -12.78 9.99
CA GLU B 77 -25.07 -11.67 9.15
C GLU B 77 -24.20 -10.45 9.39
N PRO B 78 -24.22 -9.49 8.47
CA PRO B 78 -23.56 -8.21 8.74
C PRO B 78 -24.16 -7.57 9.98
N THR B 79 -23.30 -6.93 10.76
CA THR B 79 -23.71 -6.27 11.98
C THR B 79 -23.16 -4.85 12.02
N ILE B 80 -23.86 -4.03 12.77
CA ILE B 80 -23.54 -2.63 12.93
C ILE B 80 -22.55 -2.52 14.09
N THR B 81 -21.37 -2.00 13.81
CA THR B 81 -20.49 -1.52 14.85
C THR B 81 -20.76 -0.03 14.96
N PRO B 82 -21.72 0.37 15.80
CA PRO B 82 -22.36 1.69 15.66
C PRO B 82 -21.40 2.85 15.86
N SER B 83 -21.44 3.79 14.92
CA SER B 83 -20.79 5.07 15.05
C SER B 83 -21.50 5.92 16.10
N ALA B 84 -20.75 6.87 16.66
CA ALA B 84 -21.27 7.83 17.64
C ALA B 84 -22.63 8.40 17.29
N ILE B 85 -22.85 8.78 16.02
CA ILE B 85 -24.16 9.32 15.63
C ILE B 85 -25.22 8.24 15.83
N GLN B 86 -24.87 7.03 15.41
CA GLN B 86 -25.73 5.85 15.42
C GLN B 86 -25.88 5.28 16.83
N LYS B 87 -24.79 5.37 17.62
CA LYS B 87 -24.81 5.03 19.04
C LYS B 87 -25.72 5.95 19.84
N LYS B 88 -25.74 7.25 19.51
CA LYS B 88 -26.67 8.14 20.19
C LYS B 88 -28.10 7.85 19.74
N ALA B 89 -28.33 7.80 18.42
CA ALA B 89 -29.66 7.57 17.88
C ALA B 89 -30.31 6.36 18.52
N PHE B 90 -29.58 5.22 18.53
CA PHE B 90 -30.11 4.02 19.16
C PHE B 90 -30.16 4.14 20.68
N GLY B 91 -29.31 5.00 21.27
CA GLY B 91 -29.30 5.18 22.71
C GLY B 91 -28.83 3.97 23.48
N LEU B 92 -27.64 3.50 23.12
CA LEU B 92 -27.07 2.33 23.76
C LEU B 92 -26.17 2.81 24.87
N LYS B 93 -26.32 2.21 26.03
CA LYS B 93 -25.84 2.84 27.26
C LYS B 93 -24.32 2.83 27.32
N ASN B 94 -23.74 1.72 26.85
CA ASN B 94 -22.38 1.27 27.13
C ASN B 94 -21.84 0.71 25.83
N SER B 95 -21.27 1.57 24.95
CA SER B 95 -20.73 1.22 23.62
C SER B 95 -19.99 -0.11 23.54
N LEU B 96 -20.33 -0.94 22.56
CA LEU B 96 -19.64 -2.19 22.33
C LEU B 96 -19.15 -2.22 20.89
N GLY B 97 -17.95 -2.79 20.69
CA GLY B 97 -17.26 -2.71 19.41
C GLY B 97 -17.59 -3.85 18.46
N SER B 98 -16.60 -4.21 17.64
CA SER B 98 -16.87 -5.27 16.68
C SER B 98 -16.86 -6.61 17.40
N PRO B 99 -17.81 -7.49 17.09
CA PRO B 99 -17.77 -8.83 17.67
C PRO B 99 -16.62 -9.67 17.18
N ASN B 100 -15.80 -9.15 16.26
CA ASN B 100 -14.80 -9.98 15.61
C ASN B 100 -13.79 -10.51 16.61
N GLY B 101 -13.31 -9.67 17.51
CA GLY B 101 -12.34 -10.14 18.48
C GLY B 101 -12.85 -11.34 19.26
N ALA B 102 -14.11 -11.27 19.70
CA ALA B 102 -14.68 -12.37 20.45
C ALA B 102 -14.68 -13.64 19.62
N MET B 103 -15.16 -13.55 18.38
CA MET B 103 -15.30 -14.75 17.58
C MET B 103 -13.94 -15.34 17.25
N ARG B 104 -12.99 -14.49 16.83
CA ARG B 104 -11.70 -15.02 16.39
C ARG B 104 -10.93 -15.59 17.57
N ALA B 105 -11.16 -15.04 18.77
CA ALA B 105 -10.52 -15.60 19.95
C ALA B 105 -11.11 -16.96 20.26
N GLY B 106 -12.43 -17.02 20.45
CA GLY B 106 -13.13 -18.24 20.81
C GLY B 106 -12.95 -19.37 19.84
N TRP B 107 -12.59 -19.09 18.59
CA TRP B 107 -12.57 -20.12 17.58
C TRP B 107 -11.19 -20.40 16.94
N ASN B 108 -10.11 -19.71 17.33
CA ASN B 108 -8.79 -19.75 16.67
C ASN B 108 -8.76 -19.07 15.30
N GLY B 109 -7.87 -19.37 14.35
CA GLY B 109 -7.83 -18.47 13.22
C GLY B 109 -7.33 -18.90 11.85
N ILE B 110 -8.01 -18.35 10.81
CA ILE B 110 -7.60 -17.66 9.56
C ILE B 110 -8.80 -17.31 8.62
N THR B 111 -8.63 -16.27 7.78
CA THR B 111 -9.77 -15.56 7.18
C THR B 111 -9.69 -15.69 5.66
N ILE B 112 -10.59 -16.46 5.06
CA ILE B 112 -10.49 -16.76 3.64
C ILE B 112 -11.31 -15.74 2.88
N SER B 113 -10.68 -15.05 1.93
CA SER B 113 -11.38 -14.07 1.13
C SER B 113 -11.21 -14.51 -0.34
N ARG B 114 -12.13 -15.31 -0.86
CA ARG B 114 -12.04 -15.91 -2.19
C ARG B 114 -13.17 -15.39 -3.08
N ASP B 115 -12.88 -15.22 -4.37
CA ASP B 115 -13.83 -14.56 -5.26
C ASP B 115 -15.04 -15.45 -5.56
N THR B 116 -16.22 -14.83 -5.71
CA THR B 116 -17.47 -15.53 -6.04
C THR B 116 -17.67 -15.48 -7.55
N ILE B 117 -18.14 -16.58 -8.12
CA ILE B 117 -18.26 -16.75 -9.57
C ILE B 117 -19.65 -17.31 -9.90
N HIS B 118 -20.20 -16.95 -11.07
CA HIS B 118 -21.41 -17.61 -11.60
C HIS B 118 -21.01 -18.57 -12.72
N ILE B 119 -20.53 -19.76 -12.32
CA ILE B 119 -19.93 -20.78 -13.20
C ILE B 119 -20.83 -21.10 -14.39
N ASP B 120 -22.12 -20.78 -14.28
CA ASP B 120 -22.97 -20.80 -15.45
C ASP B 120 -23.07 -19.38 -15.99
N GLY B 121 -22.08 -19.08 -16.83
CA GLY B 121 -22.11 -18.04 -17.84
C GLY B 121 -22.48 -16.64 -17.43
N ILE B 122 -21.80 -16.08 -16.43
CA ILE B 122 -21.65 -14.63 -16.33
C ILE B 122 -20.18 -14.38 -16.06
N GLU B 123 -19.50 -13.72 -16.99
CA GLU B 123 -18.13 -13.36 -16.75
C GLU B 123 -18.11 -12.28 -15.67
N LEU B 124 -17.09 -12.29 -14.82
CA LEU B 124 -16.87 -11.18 -13.90
C LEU B 124 -15.43 -10.78 -14.06
N GLY B 125 -14.91 -10.00 -13.11
CA GLY B 125 -13.58 -9.45 -13.25
C GLY B 125 -12.55 -10.51 -13.56
N TYR B 126 -12.58 -11.60 -12.82
CA TYR B 126 -11.61 -12.67 -12.97
C TYR B 126 -12.26 -13.80 -13.73
N LYS B 127 -11.52 -14.30 -14.71
CA LYS B 127 -11.98 -15.42 -15.51
C LYS B 127 -11.96 -16.71 -14.73
N ARG B 128 -10.90 -16.94 -13.96
CA ARG B 128 -10.82 -18.11 -13.09
C ARG B 128 -10.67 -17.72 -11.63
N PRO B 129 -11.16 -18.55 -10.72
CA PRO B 129 -11.15 -18.22 -9.29
C PRO B 129 -9.82 -17.77 -8.71
N VAL B 130 -9.90 -16.86 -7.74
CA VAL B 130 -8.77 -16.40 -6.95
C VAL B 130 -9.03 -16.78 -5.49
N PHE B 131 -8.01 -17.29 -4.80
CA PHE B 131 -8.12 -17.53 -3.37
C PHE B 131 -7.19 -16.58 -2.62
N PHE B 132 -7.58 -16.23 -1.40
CA PHE B 132 -6.74 -15.45 -0.52
C PHE B 132 -6.91 -15.90 0.92
N GLU B 133 -5.81 -16.13 1.59
CA GLU B 133 -5.80 -16.44 3.00
C GLU B 133 -5.24 -15.25 3.75
N ARG B 134 -6.09 -14.58 4.49
CA ARG B 134 -5.69 -13.50 5.37
C ARG B 134 -5.56 -14.11 6.76
N HIS B 135 -4.32 -14.21 7.24
CA HIS B 135 -4.04 -14.69 8.58
C HIS B 135 -4.97 -14.00 9.57
N ALA B 136 -5.69 -14.79 10.39
CA ALA B 136 -6.82 -14.22 11.15
C ALA B 136 -6.41 -13.42 12.38
N VAL B 137 -5.19 -13.59 12.87
CA VAL B 137 -4.80 -12.99 14.14
C VAL B 137 -3.50 -12.23 13.98
N GLY B 138 -3.16 -11.45 15.00
CA GLY B 138 -1.90 -10.75 15.00
C GLY B 138 -1.99 -9.44 14.25
N GLY B 139 -0.87 -8.75 14.25
CA GLY B 139 -0.68 -7.58 13.45
C GLY B 139 -1.15 -6.29 14.08
N GLU B 140 -1.03 -5.24 13.28
CA GLU B 140 -1.22 -3.86 13.73
C GLU B 140 -2.62 -3.63 14.30
N TYR B 141 -3.65 -4.27 13.72
CA TYR B 141 -5.02 -4.05 14.19
C TYR B 141 -5.19 -4.48 15.62
N GLY B 142 -4.28 -5.26 16.16
CA GLY B 142 -4.46 -5.69 17.53
C GLY B 142 -3.41 -5.10 18.45
N ALA B 143 -2.95 -3.91 18.08
CA ALA B 143 -1.85 -3.29 18.80
C ALA B 143 -2.37 -2.56 20.02
N GLY B 144 -1.56 -2.56 21.07
CA GLY B 144 -1.75 -1.68 22.21
C GLY B 144 -0.86 -0.45 22.07
N TRP B 145 -1.40 0.68 22.51
CA TRP B 145 -0.65 1.91 22.35
C TRP B 145 -1.01 2.88 23.44
N SER B 146 -0.18 3.90 23.56
CA SER B 146 -0.46 5.01 24.46
C SER B 146 0.34 6.22 24.00
N LYS B 147 -0.23 7.40 24.20
CA LYS B 147 0.52 8.64 24.08
C LYS B 147 1.21 8.89 25.42
N VAL B 148 2.53 9.05 25.37
CA VAL B 148 3.32 9.19 26.57
C VAL B 148 4.24 10.37 26.40
N GLY B 149 4.78 10.83 27.50
CA GLY B 149 5.65 11.95 27.40
C GLY B 149 7.06 11.48 27.57
N ARG B 150 7.78 12.33 28.26
CA ARG B 150 9.17 12.12 28.56
C ARG B 150 9.46 10.92 29.43
N GLY B 151 10.55 10.22 29.09
CA GLY B 151 10.95 9.06 29.88
C GLY B 151 11.71 7.95 29.15
N THR B 152 11.45 6.70 29.52
CA THR B 152 12.04 5.56 28.83
C THR B 152 11.03 4.43 28.73
N LEU B 153 10.91 3.84 27.54
CA LEU B 153 9.97 2.75 27.34
C LEU B 153 10.72 1.43 27.35
N LEU B 154 10.10 0.44 27.98
CA LEU B 154 10.74 -0.80 28.33
C LEU B 154 9.76 -1.93 28.05
N THR B 155 10.15 -2.83 27.15
CA THR B 155 9.33 -3.96 26.76
C THR B 155 10.02 -5.21 27.30
N THR B 156 9.42 -5.81 28.33
CA THR B 156 9.94 -7.04 28.92
C THR B 156 9.13 -8.23 28.43
N TYR B 157 9.78 -9.39 28.39
CA TYR B 157 9.08 -10.64 28.12
C TYR B 157 9.32 -11.62 29.25
N LEU B 158 8.24 -12.21 29.76
CA LEU B 158 8.23 -13.07 30.94
C LEU B 158 7.90 -14.52 30.57
N PRO B 159 8.89 -15.35 30.26
CA PRO B 159 8.59 -16.71 29.78
C PRO B 159 7.98 -17.59 30.86
N SER B 160 7.04 -18.44 30.43
CA SER B 160 6.66 -19.60 31.22
C SER B 160 7.67 -20.72 31.08
N ASP B 161 8.63 -20.57 30.17
CA ASP B 161 9.74 -21.48 29.98
C ASP B 161 10.64 -21.50 31.21
N GLY B 162 10.28 -20.72 32.23
CA GLY B 162 11.03 -20.70 33.45
C GLY B 162 12.27 -19.84 33.41
N ARG B 163 12.59 -19.26 32.27
CA ARG B 163 13.86 -18.55 32.13
C ARG B 163 13.78 -17.12 32.64
N ASP B 164 14.85 -16.28 32.31
CA ASP B 164 14.82 -14.99 32.95
C ASP B 164 14.10 -13.98 32.05
N PRO B 165 13.42 -13.00 32.67
CA PRO B 165 12.76 -11.95 31.88
C PRO B 165 13.68 -11.36 30.82
N PHE B 166 13.13 -11.11 29.64
CA PHE B 166 13.89 -10.77 28.45
C PHE B 166 13.61 -9.32 28.10
N VAL B 167 14.67 -8.55 27.85
CA VAL B 167 14.53 -7.15 27.44
C VAL B 167 14.36 -7.14 25.92
N VAL B 168 13.11 -7.07 25.46
CA VAL B 168 12.83 -7.06 24.03
C VAL B 168 13.34 -5.78 23.41
N ASP B 169 12.97 -4.64 23.99
CA ASP B 169 13.38 -3.33 23.52
C ASP B 169 13.41 -2.37 24.70
N LYS B 170 14.41 -1.48 24.71
CA LYS B 170 14.47 -0.37 25.65
C LYS B 170 14.86 0.87 24.86
N ARG B 171 14.16 1.97 25.09
CA ARG B 171 14.51 3.21 24.38
C ARG B 171 14.20 4.43 25.24
N ASP B 172 14.86 5.52 24.88
CA ASP B 172 14.97 6.76 25.67
C ASP B 172 14.16 7.85 25.00
N LEU B 173 12.91 8.02 25.42
CA LEU B 173 12.02 8.96 24.75
C LEU B 173 12.29 10.36 25.28
N THR B 174 12.89 11.19 24.42
CA THR B 174 13.30 12.55 24.76
C THR B 174 12.15 13.54 24.59
N ASP B 175 11.26 13.29 23.64
CA ASP B 175 10.19 14.23 23.39
C ASP B 175 9.12 14.17 24.48
N GLN B 176 8.36 15.24 24.55
CA GLN B 176 7.22 15.37 25.46
C GLN B 176 5.92 14.93 24.79
N HIS B 177 5.92 14.78 23.46
CA HIS B 177 4.84 14.13 22.72
C HIS B 177 5.37 12.88 22.03
N ASN B 178 5.01 11.71 22.56
CA ASN B 178 5.33 10.44 21.92
C ASN B 178 4.05 9.60 21.82
N VAL B 179 4.01 8.70 20.84
CA VAL B 179 3.11 7.55 20.86
C VAL B 179 3.97 6.31 20.90
N VAL B 180 3.53 5.30 21.63
CA VAL B 180 4.20 4.01 21.62
C VAL B 180 3.19 2.96 21.23
N VAL B 181 3.67 2.00 20.45
CA VAL B 181 2.86 0.96 19.82
C VAL B 181 3.56 -0.37 20.05
N THR B 182 2.82 -1.36 20.54
CA THR B 182 3.31 -2.71 20.71
C THR B 182 2.22 -3.65 20.23
N TYR B 183 2.64 -4.78 19.67
CA TYR B 183 1.72 -5.79 19.16
C TYR B 183 2.52 -7.07 18.97
N HIS B 184 1.82 -8.15 18.63
CA HIS B 184 2.47 -9.42 18.41
C HIS B 184 1.84 -10.10 17.22
N ASN B 185 2.56 -11.08 16.68
CA ASN B 185 2.04 -12.01 15.70
C ASN B 185 2.19 -13.41 16.28
N PRO B 186 1.10 -14.14 16.55
CA PRO B 186 1.21 -15.56 16.91
C PRO B 186 1.33 -16.41 15.65
N TYR B 187 2.35 -17.27 15.61
CA TYR B 187 2.70 -17.98 14.38
C TYR B 187 2.53 -19.50 14.41
N ASP B 188 2.01 -20.09 15.50
CA ASP B 188 1.78 -21.53 15.50
C ASP B 188 0.87 -21.94 14.34
N ASN B 189 -0.34 -21.36 14.29
CA ASN B 189 -1.31 -21.76 13.29
C ASN B 189 -0.91 -21.39 11.88
N VAL B 190 0.28 -20.85 11.62
CA VAL B 190 0.74 -20.73 10.26
C VAL B 190 0.90 -22.10 9.62
N GLU B 191 1.26 -23.13 10.40
CA GLU B 191 1.34 -24.32 9.53
C GLU B 191 -0.03 -24.94 9.20
N PRO B 192 -1.01 -25.00 10.11
CA PRO B 192 -2.38 -25.25 9.65
C PRO B 192 -2.79 -24.42 8.45
N LEU B 193 -2.55 -23.09 8.49
CA LEU B 193 -2.88 -22.20 7.39
C LEU B 193 -2.32 -22.71 6.08
N ALA B 194 -1.02 -22.97 6.06
CA ALA B 194 -0.39 -23.52 4.87
C ALA B 194 -1.15 -24.74 4.34
N HIS B 195 -1.46 -25.68 5.22
CA HIS B 195 -2.15 -26.89 4.77
C HIS B 195 -3.50 -26.56 4.17
N LEU B 196 -4.28 -25.71 4.87
CA LEU B 196 -5.53 -25.27 4.27
C LEU B 196 -5.29 -24.62 2.92
N PHE B 197 -4.30 -23.73 2.84
CA PHE B 197 -4.10 -22.91 1.67
C PHE B 197 -3.62 -23.75 0.49
N PHE B 198 -2.54 -24.50 0.70
CA PHE B 198 -1.97 -25.25 -0.41
C PHE B 198 -2.92 -26.32 -0.92
N GLN B 199 -3.54 -27.09 0.00
CA GLN B 199 -4.47 -28.13 -0.39
C GLN B 199 -5.65 -27.58 -1.17
N ARG B 200 -6.28 -26.50 -0.69
CA ARG B 200 -7.39 -25.96 -1.47
C ARG B 200 -6.92 -25.44 -2.80
N CYS B 201 -5.69 -24.94 -2.90
CA CYS B 201 -5.21 -24.55 -4.21
C CYS B 201 -4.99 -25.77 -5.11
N LEU B 202 -4.42 -26.85 -4.54
CA LEU B 202 -4.30 -28.09 -5.31
C LEU B 202 -5.63 -28.48 -5.92
N ASP B 203 -6.66 -28.60 -5.08
CA ASP B 203 -7.95 -29.06 -5.56
C ASP B 203 -8.47 -28.18 -6.68
N ALA B 204 -8.11 -26.90 -6.68
CA ALA B 204 -8.71 -25.94 -7.59
C ALA B 204 -7.90 -25.64 -8.85
N ASN B 205 -6.68 -26.21 -8.96
CA ASN B 205 -5.77 -25.87 -10.05
C ASN B 205 -5.39 -24.40 -10.01
N ILE B 206 -4.92 -23.97 -8.84
CA ILE B 206 -4.54 -22.58 -8.55
C ILE B 206 -3.05 -22.51 -8.28
N THR B 207 -2.36 -21.55 -8.89
CA THR B 207 -0.95 -21.33 -8.52
C THR B 207 -0.84 -20.47 -7.26
N PRO B 208 -0.30 -20.99 -6.17
CA PRO B 208 -0.27 -20.24 -4.91
C PRO B 208 0.96 -19.34 -4.78
N TYR B 209 0.81 -18.31 -3.95
CA TYR B 209 1.87 -17.37 -3.62
C TYR B 209 1.80 -16.99 -2.16
N VAL B 210 2.90 -16.48 -1.62
CA VAL B 210 2.92 -15.90 -0.28
C VAL B 210 3.34 -14.44 -0.40
N VAL B 211 2.67 -13.55 0.33
CA VAL B 211 2.94 -12.12 0.23
C VAL B 211 3.30 -11.59 1.61
N THR B 212 4.49 -11.00 1.73
CA THR B 212 4.91 -10.34 2.97
C THR B 212 5.78 -9.12 2.64
N LYS B 213 6.10 -8.37 3.69
CA LYS B 213 7.18 -7.37 3.69
C LYS B 213 8.38 -7.87 4.50
N LYS B 214 8.69 -9.15 4.36
CA LYS B 214 9.71 -9.78 5.20
C LYS B 214 11.11 -9.21 4.94
N THR B 215 11.37 -8.71 3.73
CA THR B 215 12.68 -8.11 3.47
C THR B 215 12.90 -6.87 4.34
N VAL B 216 11.82 -6.11 4.59
CA VAL B 216 11.90 -4.83 5.25
C VAL B 216 11.58 -4.92 6.75
N PHE B 217 10.63 -5.80 7.12
CA PHE B 217 10.25 -6.07 8.51
C PHE B 217 10.69 -7.51 8.78
N LYS B 218 11.89 -7.66 9.31
CA LYS B 218 12.47 -9.00 9.36
C LYS B 218 11.74 -9.92 10.33
N TRP B 219 10.94 -9.35 11.23
CA TRP B 219 10.12 -10.18 12.12
C TRP B 219 9.09 -11.00 11.38
N GLN B 220 8.77 -10.64 10.13
CA GLN B 220 7.81 -11.37 9.33
C GLN B 220 8.38 -12.59 8.65
N GLU B 221 9.71 -12.77 8.66
CA GLU B 221 10.31 -13.84 7.87
C GLU B 221 9.91 -15.22 8.42
N GLY B 222 9.54 -15.30 9.70
CA GLY B 222 8.97 -16.54 10.24
C GLY B 222 7.80 -17.04 9.40
N PHE B 223 6.87 -16.15 9.08
CA PHE B 223 5.70 -16.52 8.29
C PHE B 223 6.16 -17.27 7.05
N TRP B 224 6.98 -16.60 6.24
CA TRP B 224 7.39 -17.19 4.99
C TRP B 224 8.14 -18.48 5.20
N ALA B 225 8.85 -18.60 6.32
CA ALA B 225 9.62 -19.83 6.54
C ALA B 225 8.67 -21.01 6.66
N VAL B 226 7.68 -20.91 7.57
CA VAL B 226 6.76 -22.02 7.75
C VAL B 226 6.04 -22.34 6.43
N MET B 227 5.43 -21.32 5.79
CA MET B 227 4.80 -21.53 4.49
C MET B 227 5.76 -22.27 3.54
N LYS B 228 7.03 -21.90 3.56
CA LYS B 228 7.97 -22.54 2.65
C LYS B 228 8.24 -23.98 3.09
N ASP B 229 8.51 -24.19 4.39
CA ASP B 229 8.82 -25.54 4.85
C ASP B 229 7.70 -26.50 4.52
N VAL B 230 6.49 -26.20 5.01
CA VAL B 230 5.33 -27.04 4.76
C VAL B 230 5.22 -27.29 3.26
N PHE B 231 5.34 -26.23 2.47
CA PHE B 231 5.19 -26.41 1.02
C PHE B 231 6.18 -27.44 0.52
N ASP B 232 7.47 -27.17 0.71
CA ASP B 232 8.51 -28.04 0.16
C ASP B 232 8.32 -29.48 0.62
N GLU B 233 7.87 -29.67 1.87
CA GLU B 233 7.78 -31.05 2.33
C GLU B 233 6.60 -31.77 1.69
N HIS B 234 5.43 -31.10 1.60
CA HIS B 234 4.18 -31.82 1.41
C HIS B 234 3.43 -31.53 0.12
N TYR B 235 3.71 -30.44 -0.57
CA TYR B 235 2.86 -30.06 -1.68
C TYR B 235 3.60 -29.73 -2.97
N LYS B 236 4.87 -29.34 -2.90
CA LYS B 236 5.59 -28.93 -4.11
C LYS B 236 5.53 -30.00 -5.21
N SER B 237 5.91 -31.22 -4.86
CA SER B 237 5.82 -32.37 -5.76
C SER B 237 4.46 -32.50 -6.45
N ARG B 238 3.39 -32.45 -5.66
CA ARG B 238 2.05 -32.56 -6.23
C ARG B 238 1.73 -31.36 -7.11
N PHE B 239 2.30 -30.20 -6.79
CA PHE B 239 2.03 -29.00 -7.60
C PHE B 239 2.74 -29.03 -8.94
N GLU B 240 3.99 -29.50 -8.97
CA GLU B 240 4.63 -29.62 -10.27
C GLU B 240 4.03 -30.75 -11.05
N GLU B 241 3.68 -31.82 -10.36
CA GLU B 241 3.13 -32.98 -11.05
C GLU B 241 1.79 -32.66 -11.71
N LYS B 242 1.07 -31.61 -11.25
CA LYS B 242 -0.06 -31.00 -11.98
C LYS B 242 0.36 -29.84 -12.89
N GLY B 243 1.64 -29.53 -12.95
CA GLY B 243 2.16 -28.42 -13.73
C GLY B 243 1.54 -27.07 -13.41
N LEU B 244 1.52 -26.72 -12.12
CA LEU B 244 1.05 -25.42 -11.68
C LEU B 244 2.18 -24.49 -11.26
N LEU B 245 3.38 -25.01 -11.00
CA LEU B 245 4.51 -24.19 -10.60
C LEU B 245 5.25 -23.66 -11.80
N GLN B 246 4.50 -23.36 -12.84
CA GLN B 246 5.11 -23.17 -14.12
C GLN B 246 5.22 -21.70 -14.46
N ALA B 247 4.12 -20.97 -14.26
CA ALA B 247 4.15 -19.54 -14.37
C ALA B 247 4.93 -18.89 -13.24
N CYS B 248 5.47 -19.64 -12.27
CA CYS B 248 6.32 -19.08 -11.22
C CYS B 248 7.71 -19.74 -11.13
N GLY B 249 8.10 -20.50 -12.15
CA GLY B 249 9.47 -20.97 -12.24
C GLY B 249 9.91 -22.06 -11.27
N GLY B 250 9.08 -23.09 -11.07
CA GLY B 250 9.50 -24.31 -10.37
C GLY B 250 9.32 -24.36 -8.86
N ASP B 251 9.35 -23.23 -8.16
CA ASP B 251 9.09 -23.24 -6.71
C ASP B 251 7.93 -22.34 -6.34
N LEU B 252 7.60 -22.41 -5.05
CA LEU B 252 6.71 -21.46 -4.42
C LEU B 252 7.37 -20.10 -4.45
N GLN B 253 6.70 -19.12 -5.04
CA GLN B 253 7.29 -17.80 -5.14
C GLN B 253 6.84 -16.94 -3.98
N HIS B 254 7.77 -16.15 -3.43
CA HIS B 254 7.42 -15.09 -2.49
C HIS B 254 7.29 -13.78 -3.24
N LEU B 255 6.24 -13.04 -2.95
CA LEU B 255 6.06 -11.73 -3.53
C LEU B 255 6.12 -10.72 -2.42
N ILE B 256 6.91 -9.68 -2.63
CA ILE B 256 6.85 -8.54 -1.75
C ILE B 256 5.56 -7.76 -2.01
N SER B 257 5.02 -7.23 -0.89
CA SER B 257 3.69 -6.66 -0.77
C SER B 257 3.28 -5.82 -1.96
N ASP B 258 4.27 -5.25 -2.62
CA ASP B 258 4.07 -4.12 -3.50
C ASP B 258 4.23 -4.51 -4.97
N ALA B 259 4.71 -5.74 -5.21
CA ALA B 259 4.64 -6.49 -6.46
C ALA B 259 3.43 -7.41 -6.51
N ALA B 260 3.02 -7.90 -5.33
CA ALA B 260 1.74 -8.58 -5.20
C ALA B 260 0.63 -7.69 -5.72
N THR B 261 0.44 -6.53 -5.07
CA THR B 261 -0.66 -5.69 -5.56
C THR B 261 -0.61 -5.29 -7.04
N MET B 262 0.43 -5.67 -7.77
CA MET B 262 0.42 -5.44 -9.22
C MET B 262 0.03 -6.69 -10.01
N GLN B 263 0.55 -7.87 -9.63
CA GLN B 263 0.04 -9.07 -10.31
C GLN B 263 -1.45 -9.32 -10.02
N LEU B 264 -1.95 -8.80 -8.89
CA LEU B 264 -3.41 -8.75 -8.68
C LEU B 264 -4.12 -8.18 -9.88
N ILE B 265 -3.85 -6.90 -10.17
CA ILE B 265 -4.57 -6.17 -11.21
C ILE B 265 -4.17 -6.68 -12.59
N ARG B 266 -2.96 -7.24 -12.71
CA ARG B 266 -2.46 -7.72 -14.00
C ARG B 266 -2.99 -9.11 -14.36
N TRP B 267 -2.58 -10.16 -13.61
CA TRP B 267 -3.02 -11.50 -14.02
C TRP B 267 -4.50 -11.58 -13.67
N THR B 268 -5.27 -10.92 -14.52
CA THR B 268 -6.71 -10.77 -14.48
C THR B 268 -7.46 -11.96 -15.06
N ASP B 269 -6.76 -13.01 -15.44
CA ASP B 269 -7.45 -14.23 -15.83
C ASP B 269 -7.67 -15.12 -14.63
N GLY B 270 -7.17 -14.71 -13.47
CA GLY B 270 -7.38 -15.43 -12.25
C GLY B 270 -6.51 -16.68 -12.11
N GLY B 271 -7.04 -17.66 -11.40
CA GLY B 271 -6.32 -18.89 -11.17
C GLY B 271 -5.12 -18.76 -10.27
N PHE B 272 -5.16 -17.86 -9.30
CA PHE B 272 -4.08 -17.75 -8.34
C PHE B 272 -4.63 -17.58 -6.94
N GLY B 273 -3.79 -17.95 -5.98
CA GLY B 273 -4.10 -17.78 -4.58
C GLY B 273 -2.93 -17.09 -3.90
N MET B 274 -3.24 -16.34 -2.85
CA MET B 274 -2.23 -15.63 -2.08
C MET B 274 -2.51 -15.84 -0.60
N ALA B 275 -1.44 -15.96 0.21
CA ALA B 275 -1.55 -15.97 1.66
C ALA B 275 -0.74 -14.81 2.24
N ALA B 276 -1.26 -14.14 3.26
CA ALA B 276 -0.57 -12.99 3.83
C ALA B 276 -0.96 -12.77 5.29
N HIS B 277 -0.24 -11.87 5.96
CA HIS B 277 -0.56 -11.43 7.31
C HIS B 277 -1.91 -10.69 7.34
N ASN B 278 -2.40 -10.46 8.57
CA ASN B 278 -3.75 -9.95 8.77
C ASN B 278 -3.95 -8.56 8.15
N TYR B 279 -3.06 -7.62 8.44
CA TYR B 279 -3.22 -6.27 7.91
C TYR B 279 -3.03 -6.24 6.38
N ASP B 280 -1.87 -6.71 5.92
CA ASP B 280 -1.60 -6.78 4.48
C ASP B 280 -2.73 -7.49 3.77
N GLY B 281 -3.22 -8.59 4.35
CA GLY B 281 -4.27 -9.34 3.71
C GLY B 281 -5.57 -8.57 3.61
N ASP B 282 -5.88 -7.76 4.62
CA ASP B 282 -7.05 -6.89 4.54
C ASP B 282 -6.95 -5.98 3.32
N MET B 283 -5.80 -5.29 3.18
CA MET B 283 -5.63 -4.32 2.11
C MET B 283 -5.65 -5.00 0.73
N LEU B 284 -4.88 -6.08 0.59
CA LEU B 284 -4.82 -6.77 -0.71
C LEU B 284 -6.18 -7.33 -1.11
N THR B 285 -7.00 -7.78 -0.14
CA THR B 285 -8.28 -8.34 -0.53
C THR B 285 -9.28 -7.28 -0.94
N ASP B 286 -9.24 -6.09 -0.31
CA ASP B 286 -10.04 -4.99 -0.85
C ASP B 286 -9.68 -4.74 -2.32
N GLN B 287 -8.40 -4.84 -2.62
CA GLN B 287 -7.91 -4.59 -3.99
C GLN B 287 -8.41 -5.66 -4.99
N ILE B 288 -8.32 -6.95 -4.61
CA ILE B 288 -8.85 -8.04 -5.42
C ILE B 288 -10.35 -7.90 -5.63
N ALA B 289 -11.06 -7.53 -4.57
CA ALA B 289 -12.50 -7.32 -4.65
C ALA B 289 -12.84 -6.33 -5.75
N GLN B 290 -12.15 -5.20 -5.76
CA GLN B 290 -12.45 -4.20 -6.78
C GLN B 290 -12.13 -4.71 -8.19
N VAL B 291 -11.01 -5.41 -8.34
CA VAL B 291 -10.71 -6.02 -9.65
C VAL B 291 -11.83 -6.98 -10.10
N HIS B 292 -12.43 -7.74 -9.17
CA HIS B 292 -13.36 -8.78 -9.61
C HIS B 292 -14.74 -8.19 -9.89
N ARG B 293 -15.22 -7.31 -9.00
CA ARG B 293 -16.43 -6.53 -9.24
C ARG B 293 -16.60 -5.51 -8.13
N SER B 294 -17.16 -5.98 -7.01
CA SER B 294 -17.42 -5.15 -5.83
C SER B 294 -17.15 -6.00 -4.61
N PRO B 295 -17.19 -5.42 -3.41
CA PRO B 295 -16.98 -6.21 -2.19
C PRO B 295 -17.97 -7.34 -1.98
N GLY B 296 -19.22 -7.19 -2.37
CA GLY B 296 -20.09 -8.33 -2.16
C GLY B 296 -19.77 -9.56 -2.99
N PHE B 297 -18.81 -9.49 -3.90
CA PHE B 297 -18.46 -10.65 -4.70
C PHE B 297 -17.20 -11.32 -4.21
N ILE B 298 -16.88 -11.14 -2.94
CA ILE B 298 -15.76 -11.79 -2.30
C ILE B 298 -16.31 -12.42 -1.04
N THR B 299 -15.86 -13.64 -0.77
CA THR B 299 -16.16 -14.41 0.41
C THR B 299 -15.57 -13.72 1.62
N SER B 300 -16.01 -14.11 2.84
CA SER B 300 -15.28 -13.66 4.04
C SER B 300 -15.45 -14.72 5.14
N ASN B 301 -14.63 -15.77 5.06
CA ASN B 301 -14.88 -17.00 5.81
C ASN B 301 -13.77 -17.25 6.81
N LEU B 302 -14.11 -17.16 8.09
CA LEU B 302 -13.19 -17.57 9.14
C LEU B 302 -13.08 -19.10 9.15
N VAL B 303 -11.85 -19.59 9.26
CA VAL B 303 -11.58 -21.00 9.55
C VAL B 303 -10.73 -21.04 10.80
N GLY B 304 -11.15 -21.84 11.77
CA GLY B 304 -10.44 -21.93 13.02
C GLY B 304 -10.47 -23.34 13.57
N LYS B 305 -9.92 -23.54 14.74
CA LYS B 305 -9.82 -24.88 15.30
C LYS B 305 -10.62 -24.92 16.59
N ALA B 306 -11.49 -25.92 16.71
CA ALA B 306 -12.26 -26.15 17.91
C ALA B 306 -11.36 -26.76 18.98
N PRO B 307 -11.73 -26.62 20.26
CA PRO B 307 -10.93 -27.27 21.30
C PRO B 307 -10.60 -28.73 21.00
N ASP B 308 -11.60 -29.55 20.64
CA ASP B 308 -11.35 -30.93 20.22
C ASP B 308 -10.40 -31.04 19.03
N GLY B 309 -10.10 -29.93 18.34
CA GLY B 309 -9.25 -29.89 17.16
C GLY B 309 -9.94 -30.01 15.82
N SER B 310 -11.26 -30.11 15.77
CA SER B 310 -12.01 -30.15 14.52
C SER B 310 -12.08 -28.74 13.93
N LEU B 311 -12.45 -28.66 12.65
CA LEU B 311 -12.53 -27.38 11.97
C LEU B 311 -13.79 -26.62 12.37
N ILE B 312 -13.61 -25.35 12.76
CA ILE B 312 -14.70 -24.41 12.95
C ILE B 312 -14.74 -23.50 11.73
N LYS B 313 -15.87 -23.45 11.05
CA LYS B 313 -15.98 -22.64 9.86
C LYS B 313 -17.12 -21.65 10.05
N GLU B 314 -16.83 -20.37 9.93
CA GLU B 314 -17.82 -19.32 10.02
C GLU B 314 -17.82 -18.57 8.71
N PHE B 315 -19.01 -18.27 8.21
CA PHE B 315 -19.20 -17.66 6.90
C PHE B 315 -19.84 -16.29 7.01
N GLU B 316 -19.39 -15.36 6.16
CA GLU B 316 -19.95 -14.01 6.09
C GLU B 316 -19.92 -13.49 4.67
N ALA B 317 -20.82 -12.56 4.41
CA ALA B 317 -20.71 -11.70 3.24
C ALA B 317 -19.68 -10.62 3.51
N SER B 318 -19.21 -9.96 2.46
CA SER B 318 -18.20 -8.92 2.60
C SER B 318 -18.75 -7.51 2.58
N HIS B 319 -20.01 -7.31 2.95
CA HIS B 319 -20.58 -5.96 3.03
C HIS B 319 -21.23 -5.78 4.38
N GLY B 320 -21.72 -4.56 4.65
CA GLY B 320 -22.41 -4.25 5.89
C GLY B 320 -23.91 -4.42 5.73
N THR B 321 -24.66 -3.77 6.61
CA THR B 321 -26.09 -4.01 6.60
C THR B 321 -26.84 -3.22 5.53
N VAL B 322 -26.17 -2.28 4.86
CA VAL B 322 -26.71 -1.51 3.75
C VAL B 322 -27.87 -0.63 4.22
N SER B 323 -27.53 0.33 5.08
CA SER B 323 -28.52 1.22 5.69
C SER B 323 -29.36 1.98 4.66
N ASP B 324 -28.73 2.50 3.60
CA ASP B 324 -29.51 3.34 2.69
C ASP B 324 -30.61 2.56 1.98
N LEU B 325 -30.33 1.31 1.57
CA LEU B 325 -31.41 0.51 0.98
C LEU B 325 -32.49 0.21 2.00
N TRP B 326 -32.11 0.19 3.28
CA TRP B 326 -33.08 0.04 4.34
C TRP B 326 -34.02 1.24 4.40
N ASN B 327 -33.46 2.45 4.43
CA ASN B 327 -34.27 3.66 4.39
C ASN B 327 -35.18 3.68 3.17
N ASP B 328 -34.65 3.33 1.99
CA ASP B 328 -35.52 3.28 0.80
C ASP B 328 -36.71 2.36 1.04
N HIS B 329 -36.46 1.18 1.64
CA HIS B 329 -37.53 0.24 1.96
C HIS B 329 -38.54 0.83 2.94
N LEU B 330 -38.06 1.50 3.99
CA LEU B 330 -38.95 2.07 5.01
C LEU B 330 -39.85 3.17 4.43
N ALA B 331 -39.39 3.87 3.41
CA ALA B 331 -40.15 4.90 2.72
C ALA B 331 -40.91 4.36 1.49
N GLY B 332 -41.08 3.04 1.39
CA GLY B 332 -41.74 2.40 0.26
C GLY B 332 -41.12 2.55 -1.12
N LYS B 333 -39.85 2.89 -1.24
CA LYS B 333 -39.22 2.80 -2.55
C LYS B 333 -38.67 1.39 -2.74
N GLU B 334 -38.77 0.89 -3.94
CA GLU B 334 -38.25 -0.45 -4.14
C GLU B 334 -36.73 -0.45 -3.98
N THR B 335 -36.19 -1.62 -3.62
CA THR B 335 -34.76 -1.81 -3.37
C THR B 335 -34.25 -2.99 -4.16
N SER B 336 -32.94 -3.05 -4.35
CA SER B 336 -32.45 -4.18 -5.14
C SER B 336 -31.08 -4.59 -4.61
N LEU B 337 -31.10 -5.41 -3.57
CA LEU B 337 -29.88 -5.85 -2.89
C LEU B 337 -29.39 -7.17 -3.46
N ASN B 338 -28.16 -7.21 -3.92
CA ASN B 338 -27.61 -8.48 -4.39
C ASN B 338 -27.36 -9.42 -3.21
N PRO B 339 -28.08 -10.55 -3.10
CA PRO B 339 -27.86 -11.47 -1.98
C PRO B 339 -26.74 -12.47 -2.19
N LEU B 340 -25.94 -12.36 -3.26
CA LEU B 340 -24.94 -13.39 -3.60
C LEU B 340 -24.01 -13.77 -2.45
N GLY B 341 -23.33 -12.78 -1.87
CA GLY B 341 -22.43 -13.06 -0.75
C GLY B 341 -23.16 -13.66 0.44
N LEU B 342 -24.33 -13.11 0.77
CA LEU B 342 -25.12 -13.63 1.87
C LEU B 342 -25.53 -15.07 1.64
N VAL B 343 -26.02 -15.37 0.44
CA VAL B 343 -26.45 -16.73 0.10
C VAL B 343 -25.25 -17.68 0.15
N GLU B 344 -24.12 -17.22 -0.40
CA GLU B 344 -22.92 -18.06 -0.44
C GLU B 344 -22.47 -18.41 0.97
N ALA B 345 -22.56 -17.44 1.90
CA ALA B 345 -22.20 -17.69 3.29
C ALA B 345 -23.20 -18.63 3.96
N ILE B 346 -24.50 -18.50 3.65
CA ILE B 346 -25.48 -19.39 4.27
C ILE B 346 -25.27 -20.83 3.79
N VAL B 347 -25.02 -21.02 2.49
CA VAL B 347 -24.87 -22.40 2.04
C VAL B 347 -23.50 -22.95 2.39
N GLY B 348 -22.49 -22.10 2.61
CA GLY B 348 -21.26 -22.59 3.19
C GLY B 348 -21.44 -23.08 4.62
N ALA B 349 -22.11 -22.27 5.45
CA ALA B 349 -22.40 -22.65 6.84
C ALA B 349 -23.20 -23.94 6.89
N LEU B 350 -24.23 -24.06 6.06
CA LEU B 350 -25.04 -25.27 6.02
C LEU B 350 -24.22 -26.48 5.56
N GLN B 351 -23.41 -26.30 4.52
CA GLN B 351 -22.58 -27.40 4.07
C GLN B 351 -21.66 -27.88 5.19
N HIS B 352 -20.96 -26.96 5.85
CA HIS B 352 -20.01 -27.40 6.88
C HIS B 352 -20.74 -27.99 8.08
N ALA B 353 -21.94 -27.50 8.39
CA ALA B 353 -22.75 -28.13 9.42
C ALA B 353 -23.03 -29.59 9.10
N ALA B 354 -23.41 -29.87 7.84
CA ALA B 354 -23.66 -31.25 7.44
C ALA B 354 -22.40 -32.10 7.52
N VAL B 355 -21.26 -31.52 7.12
CA VAL B 355 -19.99 -32.23 7.19
C VAL B 355 -19.64 -32.57 8.63
N LEU B 356 -19.76 -31.60 9.53
CA LEU B 356 -19.49 -31.81 10.94
C LEU B 356 -20.46 -32.79 11.58
N ASP B 357 -21.73 -32.80 11.15
CA ASP B 357 -22.66 -33.76 11.70
C ASP B 357 -22.24 -35.19 11.37
N ALA B 358 -21.81 -35.43 10.13
CA ALA B 358 -21.29 -36.77 9.79
C ALA B 358 -19.97 -37.05 10.51
N GLU B 359 -19.04 -36.10 10.53
CA GLU B 359 -17.76 -36.36 11.19
C GLU B 359 -17.92 -36.61 12.68
N LYS B 360 -18.87 -35.95 13.33
CA LYS B 360 -19.05 -36.13 14.77
C LYS B 360 -19.81 -37.40 15.07
N ASN B 361 -20.48 -37.99 14.08
CA ASN B 361 -21.22 -39.23 14.24
C ASN B 361 -20.97 -40.14 13.05
N PRO B 362 -19.77 -40.70 12.93
CA PRO B 362 -19.57 -41.81 11.99
C PRO B 362 -20.39 -42.98 12.50
N ASP B 363 -20.49 -44.01 11.65
CA ASP B 363 -21.22 -45.21 12.00
C ASP B 363 -22.70 -44.86 12.21
N ASP B 364 -23.10 -43.74 11.57
CA ASP B 364 -24.49 -43.30 11.35
C ASP B 364 -24.74 -43.14 9.84
N GLU B 365 -25.67 -43.95 9.31
CA GLU B 365 -26.08 -43.94 7.91
C GLU B 365 -26.68 -42.59 7.49
N HIS B 366 -27.85 -42.23 8.03
CA HIS B 366 -28.58 -41.08 7.54
C HIS B 366 -27.93 -39.81 8.06
N LYS B 367 -26.62 -39.72 7.88
CA LYS B 367 -25.90 -38.49 8.18
C LYS B 367 -24.82 -38.31 7.14
N VAL B 368 -24.14 -39.39 6.77
CA VAL B 368 -23.37 -39.34 5.53
C VAL B 368 -24.31 -39.28 4.35
N LYS B 369 -25.59 -39.64 4.52
CA LYS B 369 -26.48 -39.45 3.39
C LYS B 369 -27.18 -38.08 3.43
N ALA B 370 -27.44 -37.58 4.64
CA ALA B 370 -27.93 -36.20 4.77
C ALA B 370 -26.96 -35.18 4.19
N ARG B 371 -25.66 -35.41 4.41
CA ARG B 371 -24.63 -34.54 3.83
C ARG B 371 -24.77 -34.48 2.30
N ASP B 372 -24.91 -35.63 1.66
CA ASP B 372 -24.96 -35.66 0.21
C ASP B 372 -26.24 -35.02 -0.32
N GLN B 373 -27.36 -35.23 0.37
CA GLN B 373 -28.57 -34.46 0.06
C GLN B 373 -28.29 -32.96 0.11
N ILE B 374 -27.71 -32.47 1.22
CA ILE B 374 -27.41 -31.05 1.38
C ILE B 374 -26.59 -30.53 0.20
N PHE B 375 -25.54 -31.26 -0.18
CA PHE B 375 -24.64 -30.75 -1.22
C PHE B 375 -25.34 -30.73 -2.58
N ASN B 376 -26.18 -31.73 -2.85
CA ASN B 376 -26.98 -31.70 -4.07
C ASN B 376 -27.96 -30.53 -4.08
N PHE B 377 -28.63 -30.30 -2.94
CA PHE B 377 -29.55 -29.17 -2.85
C PHE B 377 -28.84 -27.86 -3.10
N THR B 378 -27.74 -27.61 -2.39
CA THR B 378 -27.06 -26.34 -2.57
C THR B 378 -26.56 -26.21 -4.00
N THR B 379 -26.27 -27.32 -4.66
CA THR B 379 -25.88 -27.22 -6.05
C THR B 379 -27.05 -26.75 -6.92
N THR B 380 -28.23 -27.37 -6.77
CA THR B 380 -29.33 -26.96 -7.64
C THR B 380 -29.88 -25.57 -7.25
N LEU B 381 -29.73 -25.16 -5.99
CA LEU B 381 -30.08 -23.79 -5.58
C LEU B 381 -29.15 -22.77 -6.22
N ARG B 382 -27.85 -23.09 -6.28
CA ARG B 382 -26.95 -22.21 -7.03
C ARG B 382 -27.39 -22.11 -8.47
N THR B 383 -27.77 -23.23 -9.07
CA THR B 383 -28.21 -23.16 -10.46
C THR B 383 -29.43 -22.25 -10.60
N ALA B 384 -30.37 -22.36 -9.66
CA ALA B 384 -31.57 -21.54 -9.76
C ALA B 384 -31.22 -20.06 -9.71
N MET B 385 -30.31 -19.69 -8.82
CA MET B 385 -29.97 -18.27 -8.65
C MET B 385 -29.11 -17.76 -9.82
N HIS B 386 -28.12 -18.54 -10.27
CA HIS B 386 -27.31 -18.11 -11.42
C HIS B 386 -28.15 -18.01 -12.69
N ASN B 387 -28.99 -19.00 -12.95
CA ASN B 387 -29.87 -18.92 -14.11
C ASN B 387 -30.78 -17.72 -14.02
N THR B 388 -31.35 -17.45 -12.85
CA THR B 388 -32.18 -16.25 -12.73
C THR B 388 -31.40 -15.02 -13.16
N PHE B 389 -30.19 -14.84 -12.64
CA PHE B 389 -29.37 -13.71 -13.07
C PHE B 389 -29.19 -13.71 -14.59
N ARG B 390 -29.00 -14.90 -15.18
CA ARG B 390 -28.72 -14.96 -16.62
C ARG B 390 -29.93 -14.63 -17.47
N TYR B 391 -31.13 -14.96 -17.00
CA TYR B 391 -32.35 -14.60 -17.70
C TYR B 391 -32.64 -13.08 -17.63
N GLY B 392 -31.72 -12.26 -17.12
CA GLY B 392 -31.99 -10.85 -16.97
C GLY B 392 -32.89 -10.52 -15.79
N GLN B 393 -33.17 -11.49 -14.94
CA GLN B 393 -33.98 -11.28 -13.77
C GLN B 393 -33.15 -11.21 -12.49
N GLY B 394 -31.86 -10.92 -12.61
CA GLY B 394 -31.07 -10.66 -11.43
C GLY B 394 -31.45 -9.34 -10.80
N THR B 395 -30.77 -9.03 -9.69
CA THR B 395 -30.98 -7.72 -9.08
C THR B 395 -30.40 -6.62 -9.98
N ARG B 396 -30.77 -5.38 -9.66
CA ARG B 396 -30.56 -4.26 -10.59
C ARG B 396 -29.10 -3.86 -10.76
N ASP B 397 -28.20 -4.30 -9.88
CA ASP B 397 -26.77 -4.05 -9.99
C ASP B 397 -26.12 -4.95 -11.02
N MET B 398 -26.81 -6.00 -11.43
CA MET B 398 -26.31 -6.88 -12.47
C MET B 398 -27.15 -6.87 -13.74
N SER B 399 -28.48 -6.83 -13.62
CA SER B 399 -29.33 -6.98 -14.79
C SER B 399 -29.80 -5.64 -15.35
N GLY B 400 -29.31 -4.53 -14.80
CA GLY B 400 -29.69 -3.21 -15.24
C GLY B 400 -31.09 -2.88 -14.76
N PRO B 401 -31.60 -1.71 -15.15
CA PRO B 401 -32.80 -1.17 -14.48
C PRO B 401 -34.05 -2.01 -14.68
N SER B 402 -34.08 -2.89 -15.68
CA SER B 402 -35.15 -3.87 -15.82
C SER B 402 -34.98 -5.05 -14.87
N GLY B 403 -33.89 -5.09 -14.10
CA GLY B 403 -33.70 -6.17 -13.15
C GLY B 403 -34.73 -6.15 -12.04
N TYR B 404 -34.82 -7.27 -11.33
CA TYR B 404 -35.87 -7.41 -10.33
C TYR B 404 -35.50 -6.72 -9.03
N THR B 405 -36.52 -6.46 -8.23
CA THR B 405 -36.38 -6.01 -6.87
C THR B 405 -35.85 -7.15 -6.03
N THR B 406 -35.37 -6.82 -4.82
CA THR B 406 -34.98 -7.84 -3.85
C THR B 406 -35.99 -8.97 -3.78
N GLU B 407 -37.26 -8.58 -3.63
CA GLU B 407 -38.32 -9.52 -3.31
C GLU B 407 -38.71 -10.38 -4.51
N ASP B 408 -38.82 -9.78 -5.68
CA ASP B 408 -39.17 -10.59 -6.84
C ASP B 408 -37.99 -11.42 -7.29
N PHE B 409 -36.75 -10.98 -7.02
CA PHE B 409 -35.61 -11.84 -7.25
C PHE B 409 -35.68 -13.06 -6.34
N VAL B 410 -35.94 -12.85 -5.06
CA VAL B 410 -36.04 -14.02 -4.18
C VAL B 410 -37.16 -14.94 -4.65
N ARG B 411 -38.32 -14.37 -4.99
CA ARG B 411 -39.44 -15.21 -5.38
C ARG B 411 -39.15 -15.95 -6.68
N LYS B 412 -38.54 -15.29 -7.67
CA LYS B 412 -38.29 -15.95 -8.93
C LYS B 412 -37.27 -17.08 -8.77
N VAL B 413 -36.25 -16.87 -7.91
CA VAL B 413 -35.31 -17.96 -7.64
C VAL B 413 -36.02 -19.12 -6.94
N ALA B 414 -36.96 -18.83 -6.02
CA ALA B 414 -37.72 -19.91 -5.41
C ALA B 414 -38.59 -20.65 -6.44
N TRP B 415 -39.14 -19.92 -7.40
CA TRP B 415 -39.92 -20.54 -8.47
C TRP B 415 -39.05 -21.51 -9.27
N ARG B 416 -37.89 -21.05 -9.73
CA ARG B 416 -37.01 -21.96 -10.46
C ARG B 416 -36.52 -23.09 -9.57
N LEU B 417 -36.41 -22.85 -8.27
CA LEU B 417 -35.83 -23.85 -7.39
C LEU B 417 -36.80 -25.00 -7.18
N GLN B 418 -38.07 -24.68 -6.93
CA GLN B 418 -39.09 -25.71 -6.88
C GLN B 418 -39.20 -26.43 -8.22
N ARG B 419 -39.01 -25.72 -9.33
CA ARG B 419 -39.08 -26.47 -10.59
C ARG B 419 -37.87 -27.38 -10.76
N TYR B 420 -36.65 -26.84 -10.59
CA TYR B 420 -35.43 -27.63 -10.80
C TYR B 420 -35.37 -28.86 -9.91
N LEU B 421 -36.05 -28.84 -8.77
CA LEU B 421 -36.02 -30.02 -7.91
C LEU B 421 -36.86 -31.16 -8.46
N ASP B 422 -37.61 -30.92 -9.55
CA ASP B 422 -38.47 -31.90 -10.25
C ASP B 422 -38.16 -31.84 -11.75
N ALA B 423 -36.99 -32.29 -12.20
CA ALA B 423 -36.59 -32.23 -13.62
C ALA B 423 -36.69 -30.81 -14.16
N GLN B 424 -37.82 -30.50 -14.81
CA GLN B 424 -38.19 -29.17 -15.25
C GLN B 424 -37.25 -28.41 -16.16
N TYR B 425 -36.94 -28.96 -17.32
CA TYR B 425 -35.99 -28.27 -18.19
C TYR B 425 -36.80 -27.57 -19.29
N ASP B 426 -37.63 -26.68 -18.82
CA ASP B 426 -38.55 -25.91 -19.69
C ASP B 426 -37.83 -24.62 -20.09
N GLU B 427 -38.53 -23.48 -20.17
CA GLU B 427 -37.90 -22.22 -20.46
C GLU B 427 -37.07 -22.48 -21.71
N ALA B 428 -35.77 -22.51 -21.53
CA ALA B 428 -34.75 -22.84 -22.50
C ALA B 428 -33.55 -22.46 -21.65
N PRO B 429 -32.35 -22.65 -22.13
CA PRO B 429 -31.21 -22.28 -21.32
C PRO B 429 -31.14 -20.77 -21.37
N PRO B 430 -30.74 -20.16 -20.27
CA PRO B 430 -30.44 -18.74 -20.29
C PRO B 430 -29.18 -18.51 -21.10
N PRO B 431 -28.86 -17.26 -21.40
CA PRO B 431 -27.67 -16.98 -22.20
C PRO B 431 -26.37 -16.88 -21.40
N GLN B 432 -25.26 -17.05 -22.12
CA GLN B 432 -23.96 -16.60 -21.65
C GLN B 432 -23.91 -15.10 -21.68
N LEU B 433 -23.27 -14.48 -20.68
CA LEU B 433 -23.24 -13.01 -20.64
C LEU B 433 -21.79 -12.53 -20.66
N GLY B 434 -21.36 -11.76 -19.71
CA GLY B 434 -20.21 -10.89 -19.85
C GLY B 434 -20.46 -9.80 -18.85
N GLU B 435 -19.39 -9.11 -18.45
CA GLU B 435 -19.56 -8.25 -17.30
C GLU B 435 -20.72 -7.26 -17.49
N PRO B 436 -21.76 -7.27 -16.63
CA PRO B 436 -22.72 -6.19 -16.66
C PRO B 436 -21.88 -4.95 -16.42
N SER B 437 -22.03 -3.89 -17.19
CA SER B 437 -21.26 -2.68 -17.00
C SER B 437 -21.15 -2.35 -15.52
N ARG B 438 -19.92 -2.16 -14.99
CA ARG B 438 -19.69 -1.87 -13.56
C ARG B 438 -20.42 -0.59 -13.11
N LYS B 439 -20.98 0.20 -14.03
CA LYS B 439 -21.67 1.42 -13.56
C LYS B 439 -22.97 1.11 -12.86
N LEU B 440 -23.54 -0.06 -13.12
CA LEU B 440 -24.74 -0.48 -12.40
C LEU B 440 -24.48 -0.68 -10.92
N ARG B 441 -23.22 -0.85 -10.52
CA ARG B 441 -22.87 -0.96 -9.12
C ARG B 441 -23.45 0.19 -8.29
N ARG B 442 -24.00 -0.16 -7.12
CA ARG B 442 -24.44 0.82 -6.12
C ARG B 442 -23.26 1.69 -5.71
N ASN B 443 -23.56 2.96 -5.43
CA ASN B 443 -22.57 3.91 -4.90
C ASN B 443 -21.33 4.00 -5.79
N TYR B 444 -21.54 3.91 -7.09
CA TYR B 444 -20.43 4.00 -8.03
C TYR B 444 -20.99 4.67 -9.28
N ASP B 445 -20.80 5.99 -9.35
CA ASP B 445 -21.40 6.80 -10.39
C ASP B 445 -20.35 7.53 -11.23
N ILE B 446 -19.08 7.14 -11.09
CA ILE B 446 -17.90 7.69 -11.76
C ILE B 446 -17.88 9.21 -11.85
N ASP B 447 -17.18 9.71 -12.90
CA ASP B 447 -16.96 11.14 -13.12
C ASP B 447 -16.69 11.29 -14.63
N GLU B 448 -17.76 11.23 -15.44
CA GLU B 448 -17.59 11.14 -16.90
C GLU B 448 -16.84 12.34 -17.47
N GLU B 449 -16.86 13.49 -16.76
CA GLU B 449 -16.19 14.68 -17.24
C GLU B 449 -14.68 14.54 -17.12
N ALA B 450 -14.22 14.05 -15.97
CA ALA B 450 -12.81 13.73 -15.79
C ALA B 450 -12.28 12.79 -16.87
N ILE B 451 -12.98 11.65 -17.09
CA ILE B 451 -12.46 10.62 -17.99
C ILE B 451 -12.47 11.11 -19.45
N ASN B 452 -13.41 12.00 -19.80
CA ASN B 452 -13.26 12.77 -21.05
C ASN B 452 -11.86 13.34 -21.05
N GLY B 453 -11.62 14.22 -20.07
CA GLY B 453 -10.34 14.88 -19.90
C GLY B 453 -9.15 13.98 -20.21
N LEU B 454 -9.08 12.83 -19.53
CA LEU B 454 -7.89 11.96 -19.65
C LEU B 454 -7.79 11.24 -21.01
N PHE B 455 -8.91 10.93 -21.68
CA PHE B 455 -8.75 10.29 -22.99
C PHE B 455 -8.26 11.32 -24.02
N GLN B 456 -8.86 12.53 -24.00
CA GLN B 456 -8.36 13.59 -24.91
C GLN B 456 -6.92 13.96 -24.56
N LYS B 457 -6.53 13.81 -23.29
CA LYS B 457 -5.16 14.09 -22.88
C LYS B 457 -4.19 13.26 -23.71
N TYR B 458 -4.25 11.94 -23.55
CA TYR B 458 -3.51 11.05 -24.42
C TYR B 458 -4.01 11.11 -25.86
N ASP B 459 -3.95 12.28 -26.48
CA ASP B 459 -4.31 12.37 -27.89
C ASP B 459 -3.13 12.92 -28.66
N LYS B 460 -3.17 14.24 -28.89
CA LYS B 460 -2.10 14.92 -29.60
C LYS B 460 -1.93 14.26 -30.97
N ASN B 461 -3.06 14.07 -31.64
CA ASN B 461 -2.98 13.41 -32.93
C ASN B 461 -4.22 13.67 -33.77
N GLY B 462 -5.39 13.45 -33.19
CA GLY B 462 -6.59 13.59 -34.00
C GLY B 462 -7.79 13.26 -33.16
N ASP B 463 -8.66 12.40 -33.68
CA ASP B 463 -9.81 11.89 -32.91
C ASP B 463 -9.39 10.67 -32.08
N GLY B 464 -8.55 10.92 -31.09
CA GLY B 464 -7.98 9.84 -30.31
C GLY B 464 -7.37 8.68 -31.07
N PHE B 465 -6.54 8.99 -32.05
CA PHE B 465 -5.44 8.13 -32.49
C PHE B 465 -4.78 7.23 -31.45
N ILE B 466 -5.34 6.13 -31.01
CA ILE B 466 -4.45 5.37 -30.13
C ILE B 466 -3.44 4.57 -30.95
N ASP B 467 -3.94 3.62 -31.72
CA ASP B 467 -3.14 2.79 -32.62
C ASP B 467 -1.99 2.15 -31.86
N PHE B 468 -2.37 1.46 -30.80
CA PHE B 468 -1.48 0.87 -29.81
C PHE B 468 -0.40 1.79 -29.25
N GLU B 469 0.36 2.43 -30.11
CA GLU B 469 1.42 3.35 -29.68
C GLU B 469 1.02 4.23 -28.51
N GLU B 470 -0.14 4.87 -28.62
CA GLU B 470 -0.63 5.67 -27.51
C GLU B 470 -0.96 4.80 -26.29
N PHE B 471 -1.52 3.61 -26.52
CA PHE B 471 -1.75 2.64 -25.44
C PHE B 471 -0.46 2.35 -24.67
N THR B 472 0.61 2.03 -25.40
CA THR B 472 1.91 1.78 -24.80
C THR B 472 2.40 3.00 -24.01
N ARG B 473 2.31 4.19 -24.64
CA ARG B 473 2.65 5.43 -23.94
C ARG B 473 1.88 5.51 -22.65
N MET B 474 0.57 5.31 -22.75
CA MET B 474 -0.33 5.34 -21.61
C MET B 474 0.19 4.46 -20.48
N LEU B 475 0.36 3.17 -20.77
CA LEU B 475 0.64 2.20 -19.72
C LEU B 475 2.00 2.46 -19.05
N VAL B 476 3.00 2.94 -19.81
CA VAL B 476 4.26 3.34 -19.19
C VAL B 476 4.07 4.61 -18.38
N LYS B 477 3.39 5.62 -18.98
CA LYS B 477 3.07 6.87 -18.29
C LYS B 477 2.27 6.56 -17.04
N MET B 478 1.49 5.47 -17.10
CA MET B 478 0.68 4.97 -16.01
C MET B 478 1.53 4.32 -14.93
N ASN B 479 2.78 3.98 -15.24
CA ASN B 479 3.57 3.07 -14.41
C ASN B 479 2.85 1.74 -14.20
N LEU B 480 2.28 1.17 -15.29
CA LEU B 480 1.70 -0.17 -15.23
C LEU B 480 2.15 -1.01 -16.44
N ALA B 481 3.31 -0.70 -17.05
CA ALA B 481 3.62 -1.61 -18.16
C ALA B 481 4.36 -2.81 -17.62
N PRO B 482 3.96 -4.02 -18.01
CA PRO B 482 4.60 -5.22 -17.47
C PRO B 482 6.08 -5.20 -17.80
N LEU B 483 6.89 -5.55 -16.81
CA LEU B 483 8.34 -5.51 -17.01
C LEU B 483 8.75 -6.80 -17.74
N LEU B 484 10.05 -7.03 -17.91
CA LEU B 484 10.52 -8.19 -18.66
C LEU B 484 10.94 -9.33 -17.73
N THR B 485 11.20 -10.46 -18.33
CA THR B 485 11.51 -11.71 -17.64
C THR B 485 12.84 -11.74 -16.89
N LYS B 486 13.99 -11.47 -17.56
CA LYS B 486 15.29 -11.26 -16.87
C LYS B 486 15.62 -12.38 -15.88
#